data_4GCT
#
_entry.id   4GCT
#
_cell.length_a   69.100
_cell.length_b   61.360
_cell.length_c   121.080
_cell.angle_alpha   90.00
_cell.angle_beta   99.06
_cell.angle_gamma   90.00
#
_symmetry.space_group_name_H-M   'P 1 21 1'
#
loop_
_entity.id
_entity.type
_entity.pdbx_description
1 polymer 'Nucleoid occlusion factor SlmA'
2 polymer "DNA (5'-D(*TP*TP*AP*CP*GP*TP*GP*AP*GP*TP*AP*CP*TP*CP*AP*CP*GP*TP*AP*A)-3')"
3 water water
#
loop_
_entity_poly.entity_id
_entity_poly.type
_entity_poly.pdbx_seq_one_letter_code
_entity_poly.pdbx_strand_id
1 'polypeptide(L)'
;MAGNKKINRREEILQALAEMLESNEGASRITTAKLAKQVGVSEAALYRHFPSKTRMFEGLIEFIEESLMSRINRIFDEEK
DTLNRIRLVMQLLLAFAERNPGLTRILSGHALMFENERLRDRINQLFERIETSLRQILRERKLREGKSFPVDENILAAQL
LGQVEGSLNRFVRSDFKYLPTANFDEYWALLSAQIK
;
A,B,C,D
2 'polydeoxyribonucleotide' (DT)(DT)(DA)(DC)(DG)(DT)(DG)(DA)(DG)(DT)(DA)(DC)(DT)(DC)(DA)(DC)(DG)(DT)(DA)(DA) W,Z
#
loop_
_chem_comp.id
_chem_comp.type
_chem_comp.name
_chem_comp.formula
DA DNA linking 2'-DEOXYADENOSINE-5'-MONOPHOSPHATE 'C10 H14 N5 O6 P'
DC DNA linking 2'-DEOXYCYTIDINE-5'-MONOPHOSPHATE 'C9 H14 N3 O7 P'
DG DNA linking 2'-DEOXYGUANOSINE-5'-MONOPHOSPHATE 'C10 H14 N5 O7 P'
DT DNA linking THYMIDINE-5'-MONOPHOSPHATE 'C10 H15 N2 O8 P'
#
# COMPACT_ATOMS: atom_id res chain seq x y z
N ILE A 7 -22.07 -10.55 -13.88
CA ILE A 7 -23.41 -11.17 -14.07
C ILE A 7 -24.45 -10.06 -14.13
N ASN A 8 -24.98 -9.68 -12.98
CA ASN A 8 -25.98 -8.62 -12.91
C ASN A 8 -25.27 -7.33 -12.56
N ARG A 9 -24.54 -7.37 -11.45
CA ARG A 9 -23.84 -6.19 -11.00
C ARG A 9 -22.39 -6.12 -11.48
N ARG A 10 -21.72 -7.26 -11.54
CA ARG A 10 -20.34 -7.26 -12.00
C ARG A 10 -20.29 -6.79 -13.47
N GLU A 11 -21.29 -7.20 -14.24
CA GLU A 11 -21.35 -6.82 -15.65
C GLU A 11 -21.79 -5.37 -15.74
N GLU A 12 -22.66 -4.96 -14.83
CA GLU A 12 -23.17 -3.61 -14.81
C GLU A 12 -22.04 -2.60 -14.58
N ILE A 13 -21.10 -2.98 -13.71
CA ILE A 13 -19.97 -2.12 -13.40
C ILE A 13 -19.07 -1.98 -14.64
N LEU A 14 -18.68 -3.10 -15.23
CA LEU A 14 -17.84 -3.07 -16.42
C LEU A 14 -18.51 -2.27 -17.54
N GLN A 15 -19.84 -2.26 -17.54
CA GLN A 15 -20.58 -1.53 -18.55
C GLN A 15 -20.50 -0.05 -18.24
N ALA A 16 -20.58 0.27 -16.96
CA ALA A 16 -20.52 1.66 -16.51
C ALA A 16 -19.13 2.22 -16.77
N LEU A 17 -18.11 1.40 -16.59
CA LEU A 17 -16.74 1.84 -16.81
C LEU A 17 -16.52 2.11 -18.29
N ALA A 18 -17.03 1.23 -19.14
CA ALA A 18 -16.87 1.41 -20.57
C ALA A 18 -17.65 2.65 -21.01
N GLU A 19 -18.85 2.80 -20.47
CA GLU A 19 -19.71 3.92 -20.80
C GLU A 19 -19.04 5.26 -20.47
N MET A 20 -18.42 5.34 -19.30
CA MET A 20 -17.75 6.57 -18.89
C MET A 20 -16.49 6.78 -19.74
N LEU A 21 -15.83 5.67 -20.06
CA LEU A 21 -14.63 5.70 -20.86
C LEU A 21 -14.99 6.22 -22.26
N GLU A 22 -16.24 6.04 -22.65
CA GLU A 22 -16.71 6.50 -23.96
C GLU A 22 -17.12 7.97 -23.93
N SER A 23 -17.67 8.40 -22.80
CA SER A 23 -18.11 9.78 -22.62
C SER A 23 -16.93 10.75 -22.58
N ASN A 24 -17.20 11.95 -22.12
CA ASN A 24 -16.20 12.99 -22.02
C ASN A 24 -15.37 12.77 -20.76
N GLU A 25 -15.94 12.03 -19.82
CA GLU A 25 -15.28 11.74 -18.57
C GLU A 25 -14.07 10.85 -18.78
N GLY A 26 -14.08 10.09 -19.88
CA GLY A 26 -12.98 9.20 -20.18
C GLY A 26 -11.67 9.90 -20.46
N ALA A 27 -11.73 11.20 -20.76
CA ALA A 27 -10.53 11.98 -21.04
C ALA A 27 -9.85 12.32 -19.72
N SER A 28 -10.53 11.98 -18.63
CA SER A 28 -10.03 12.25 -17.30
C SER A 28 -10.03 11.01 -16.40
N ARG A 29 -9.46 11.13 -15.21
CA ARG A 29 -9.40 10.00 -14.29
C ARG A 29 -10.81 9.57 -13.87
N ILE A 30 -11.08 8.28 -13.87
CA ILE A 30 -12.38 7.78 -13.47
C ILE A 30 -12.28 7.28 -12.04
N THR A 31 -12.52 8.17 -11.09
CA THR A 31 -12.44 7.84 -9.67
C THR A 31 -13.55 6.89 -9.26
N THR A 32 -13.33 6.16 -8.18
CA THR A 32 -14.32 5.21 -7.66
C THR A 32 -15.60 5.91 -7.22
N ALA A 33 -15.44 7.13 -6.69
CA ALA A 33 -16.59 7.91 -6.24
C ALA A 33 -17.49 8.11 -7.45
N LYS A 34 -16.89 8.59 -8.54
CA LYS A 34 -17.64 8.81 -9.77
C LYS A 34 -18.15 7.50 -10.37
N LEU A 35 -17.29 6.49 -10.48
CA LEU A 35 -17.73 5.23 -11.06
C LEU A 35 -18.90 4.65 -10.28
N ALA A 36 -18.85 4.81 -8.95
CA ALA A 36 -19.90 4.32 -8.09
C ALA A 36 -21.24 5.02 -8.40
N LYS A 37 -21.19 6.33 -8.64
CA LYS A 37 -22.38 7.12 -8.97
C LYS A 37 -23.00 6.64 -10.29
N GLN A 38 -22.15 6.20 -11.21
CA GLN A 38 -22.63 5.72 -12.49
C GLN A 38 -23.31 4.37 -12.39
N VAL A 39 -23.24 3.74 -11.22
CA VAL A 39 -23.87 2.43 -11.08
C VAL A 39 -25.13 2.48 -10.24
N GLY A 40 -25.25 3.53 -9.43
CA GLY A 40 -26.41 3.66 -8.56
C GLY A 40 -26.17 3.10 -7.17
N VAL A 41 -24.93 2.68 -6.89
CA VAL A 41 -24.55 2.12 -5.60
C VAL A 41 -23.41 2.90 -4.95
N SER A 42 -22.95 2.42 -3.80
CA SER A 42 -21.87 3.06 -3.04
C SER A 42 -20.52 2.48 -3.47
N GLU A 43 -19.44 3.17 -3.09
CA GLU A 43 -18.08 2.76 -3.42
C GLU A 43 -17.80 1.36 -2.86
N ALA A 44 -18.25 1.13 -1.63
CA ALA A 44 -18.07 -0.15 -0.95
C ALA A 44 -18.77 -1.23 -1.77
N ALA A 45 -19.85 -0.86 -2.42
CA ALA A 45 -20.61 -1.82 -3.22
C ALA A 45 -19.73 -2.37 -4.35
N LEU A 46 -18.93 -1.51 -4.97
CA LEU A 46 -18.07 -1.94 -6.07
C LEU A 46 -17.09 -3.02 -5.62
N TYR A 47 -16.57 -2.85 -4.42
CA TYR A 47 -15.59 -3.77 -3.85
C TYR A 47 -16.09 -5.15 -3.47
N ARG A 48 -17.38 -5.41 -3.66
CA ARG A 48 -17.93 -6.71 -3.36
C ARG A 48 -17.76 -7.63 -4.55
N HIS A 49 -17.60 -7.04 -5.74
CA HIS A 49 -17.45 -7.82 -6.98
C HIS A 49 -16.03 -7.71 -7.53
N PHE A 50 -15.32 -6.67 -7.09
CA PHE A 50 -13.94 -6.44 -7.53
C PHE A 50 -13.06 -6.09 -6.33
N PRO A 51 -11.86 -6.63 -6.30
CA PRO A 51 -10.95 -6.35 -5.20
C PRO A 51 -10.22 -5.02 -5.35
N SER A 52 -10.07 -4.59 -6.60
CA SER A 52 -9.36 -3.35 -6.91
C SER A 52 -9.90 -2.73 -8.19
N LYS A 53 -9.63 -1.45 -8.40
CA LYS A 53 -10.10 -0.80 -9.61
C LYS A 53 -9.34 -1.43 -10.78
N THR A 54 -8.13 -1.89 -10.50
CA THR A 54 -7.32 -2.50 -11.55
C THR A 54 -7.97 -3.73 -12.16
N ARG A 55 -8.65 -4.52 -11.33
CA ARG A 55 -9.34 -5.72 -11.79
C ARG A 55 -10.51 -5.39 -12.69
N MET A 56 -11.11 -4.22 -12.47
CA MET A 56 -12.22 -3.79 -13.29
C MET A 56 -11.72 -3.61 -14.71
N PHE A 57 -10.56 -2.98 -14.83
CA PHE A 57 -9.93 -2.75 -16.12
C PHE A 57 -9.43 -4.04 -16.74
N GLU A 58 -9.01 -4.99 -15.92
CA GLU A 58 -8.55 -6.26 -16.47
C GLU A 58 -9.73 -7.00 -17.06
N GLY A 59 -10.90 -6.81 -16.46
CA GLY A 59 -12.13 -7.44 -16.95
C GLY A 59 -12.43 -6.98 -18.37
N LEU A 60 -12.15 -5.69 -18.63
CA LEU A 60 -12.37 -5.11 -19.96
C LEU A 60 -11.25 -5.53 -20.92
N ILE A 61 -10.01 -5.56 -20.44
CA ILE A 61 -8.90 -5.95 -21.29
C ILE A 61 -9.06 -7.41 -21.73
N GLU A 62 -9.67 -8.21 -20.86
CA GLU A 62 -9.87 -9.61 -21.19
C GLU A 62 -10.89 -9.73 -22.30
N PHE A 63 -11.95 -8.93 -22.19
CA PHE A 63 -12.99 -8.91 -23.20
C PHE A 63 -12.44 -8.49 -24.55
N ILE A 64 -11.58 -7.48 -24.53
CA ILE A 64 -10.96 -6.97 -25.75
C ILE A 64 -10.12 -8.07 -26.41
N GLU A 65 -9.32 -8.75 -25.60
CA GLU A 65 -8.47 -9.83 -26.10
C GLU A 65 -9.27 -11.00 -26.67
N GLU A 66 -10.19 -11.48 -25.87
CA GLU A 66 -11.05 -12.59 -26.23
C GLU A 66 -11.76 -12.32 -27.55
N SER A 67 -12.23 -11.08 -27.72
CA SER A 67 -12.96 -10.68 -28.90
C SER A 67 -12.11 -10.58 -30.14
N LEU A 68 -10.92 -10.01 -29.99
CA LEU A 68 -10.03 -9.85 -31.12
C LEU A 68 -9.37 -11.14 -31.56
N MET A 69 -8.81 -11.88 -30.62
CA MET A 69 -8.13 -13.12 -30.98
C MET A 69 -9.04 -14.21 -31.50
N SER A 70 -10.22 -14.34 -30.91
CA SER A 70 -11.16 -15.36 -31.34
C SER A 70 -11.68 -15.08 -32.75
N ARG A 71 -11.88 -13.79 -33.07
CA ARG A 71 -12.36 -13.44 -34.39
C ARG A 71 -11.28 -13.63 -35.43
N ILE A 72 -10.03 -13.54 -34.99
CA ILE A 72 -8.92 -13.71 -35.91
C ILE A 72 -8.77 -15.16 -36.30
N ASN A 73 -9.11 -16.07 -35.38
CA ASN A 73 -9.04 -17.51 -35.66
C ASN A 73 -10.17 -17.95 -36.58
N ARG A 74 -11.23 -17.16 -36.63
CA ARG A 74 -12.37 -17.45 -37.47
C ARG A 74 -12.04 -17.01 -38.90
N ILE A 75 -11.26 -15.94 -39.02
CA ILE A 75 -10.86 -15.44 -40.32
C ILE A 75 -9.99 -16.49 -41.00
N PHE A 76 -9.03 -17.01 -40.25
CA PHE A 76 -8.14 -18.03 -40.78
C PHE A 76 -8.88 -19.27 -41.33
N ASP A 77 -9.76 -19.88 -40.54
CA ASP A 77 -10.47 -21.06 -41.04
C ASP A 77 -11.56 -20.78 -42.09
N GLU A 78 -11.96 -19.52 -42.27
CA GLU A 78 -12.97 -19.14 -43.25
C GLU A 78 -12.38 -18.56 -44.54
N GLU A 79 -11.34 -17.76 -44.42
CA GLU A 79 -10.71 -17.18 -45.60
C GLU A 79 -9.33 -17.82 -45.84
N LYS A 80 -9.15 -18.40 -47.01
CA LYS A 80 -7.88 -19.05 -47.32
C LYS A 80 -6.92 -18.19 -48.13
N ASP A 81 -7.43 -17.12 -48.72
CA ASP A 81 -6.57 -16.23 -49.49
C ASP A 81 -5.71 -15.37 -48.56
N THR A 82 -4.41 -15.31 -48.87
CA THR A 82 -3.45 -14.54 -48.08
C THR A 82 -3.75 -13.05 -47.99
N LEU A 83 -3.95 -12.41 -49.14
CA LEU A 83 -4.22 -10.96 -49.15
C LEU A 83 -5.51 -10.64 -48.43
N ASN A 84 -6.54 -11.46 -48.60
CA ASN A 84 -7.79 -11.20 -47.89
C ASN A 84 -7.62 -11.38 -46.40
N ARG A 85 -6.85 -12.37 -45.98
CA ARG A 85 -6.64 -12.57 -44.55
C ARG A 85 -6.13 -11.28 -43.96
N ILE A 86 -5.15 -10.68 -44.63
CA ILE A 86 -4.57 -9.43 -44.17
C ILE A 86 -5.60 -8.30 -44.18
N ARG A 87 -6.47 -8.29 -45.18
CA ARG A 87 -7.47 -7.24 -45.27
C ARG A 87 -8.45 -7.34 -44.12
N LEU A 88 -8.87 -8.58 -43.86
CA LEU A 88 -9.84 -8.88 -42.82
C LEU A 88 -9.39 -8.63 -41.40
N VAL A 89 -8.11 -8.87 -41.13
CA VAL A 89 -7.61 -8.67 -39.79
C VAL A 89 -7.58 -7.19 -39.43
N MET A 90 -7.02 -6.39 -40.33
CA MET A 90 -6.94 -4.94 -40.14
C MET A 90 -8.36 -4.36 -40.02
N GLN A 91 -9.26 -4.93 -40.80
CA GLN A 91 -10.64 -4.50 -40.78
C GLN A 91 -11.23 -4.81 -39.41
N LEU A 92 -10.92 -5.99 -38.88
CA LEU A 92 -11.44 -6.36 -37.56
C LEU A 92 -10.98 -5.37 -36.50
N LEU A 93 -9.69 -5.05 -36.53
CA LEU A 93 -9.16 -4.13 -35.56
C LEU A 93 -9.83 -2.75 -35.62
N LEU A 94 -9.98 -2.22 -36.83
CA LEU A 94 -10.60 -0.90 -36.99
C LEU A 94 -12.10 -0.93 -36.68
N ALA A 95 -12.76 -2.02 -37.02
CA ALA A 95 -14.18 -2.11 -36.77
C ALA A 95 -14.40 -2.29 -35.29
N PHE A 96 -13.55 -3.08 -34.64
CA PHE A 96 -13.72 -3.29 -33.20
C PHE A 96 -13.66 -1.97 -32.46
N ALA A 97 -12.64 -1.17 -32.77
CA ALA A 97 -12.45 0.12 -32.12
C ALA A 97 -13.58 1.09 -32.45
N GLU A 98 -14.11 1.03 -33.67
CA GLU A 98 -15.16 1.94 -34.05
C GLU A 98 -16.47 1.63 -33.35
N ARG A 99 -16.70 0.35 -33.07
CA ARG A 99 -17.91 -0.08 -32.38
C ARG A 99 -17.78 0.05 -30.86
N ASN A 100 -16.56 0.26 -30.38
CA ASN A 100 -16.31 0.36 -28.95
C ASN A 100 -15.40 1.55 -28.61
N PRO A 101 -15.88 2.79 -28.81
CA PRO A 101 -15.11 4.02 -28.53
C PRO A 101 -14.39 4.04 -27.18
N GLY A 102 -15.10 3.66 -26.13
CA GLY A 102 -14.50 3.66 -24.82
C GLY A 102 -13.35 2.69 -24.72
N LEU A 103 -13.54 1.47 -25.21
CA LEU A 103 -12.49 0.48 -25.09
C LEU A 103 -11.27 0.86 -25.90
N THR A 104 -11.46 1.67 -26.94
CA THR A 104 -10.35 2.11 -27.77
C THR A 104 -9.47 3.04 -26.93
N ARG A 105 -10.11 3.69 -25.97
CA ARG A 105 -9.43 4.60 -25.06
C ARG A 105 -8.45 3.77 -24.23
N ILE A 106 -8.68 2.47 -24.20
CA ILE A 106 -7.79 1.56 -23.49
C ILE A 106 -6.71 1.07 -24.45
N LEU A 107 -7.11 0.66 -25.65
CA LEU A 107 -6.16 0.16 -26.65
C LEU A 107 -5.12 1.22 -27.01
N SER A 108 -5.55 2.48 -27.00
CA SER A 108 -4.65 3.56 -27.32
C SER A 108 -3.78 3.82 -26.10
N GLY A 109 -4.23 3.33 -24.95
CA GLY A 109 -3.47 3.46 -23.72
C GLY A 109 -3.63 4.72 -22.89
N HIS A 110 -4.51 5.63 -23.32
CA HIS A 110 -4.70 6.84 -22.56
C HIS A 110 -5.48 6.64 -21.24
N ALA A 111 -6.42 5.71 -21.22
CA ALA A 111 -7.22 5.46 -20.02
C ALA A 111 -6.43 4.78 -18.92
N LEU A 112 -5.39 4.03 -19.31
CA LEU A 112 -4.57 3.31 -18.34
C LEU A 112 -3.51 4.16 -17.63
N MET A 113 -3.38 5.41 -18.05
CA MET A 113 -2.40 6.31 -17.45
C MET A 113 -2.73 6.56 -15.98
N PHE A 114 -4.00 6.42 -15.62
CA PHE A 114 -4.43 6.64 -14.25
C PHE A 114 -4.41 5.34 -13.46
N GLU A 115 -4.06 4.23 -14.10
CA GLU A 115 -4.10 2.96 -13.40
C GLU A 115 -2.76 2.22 -13.27
N ASN A 116 -2.83 1.01 -12.73
CA ASN A 116 -1.67 0.17 -12.52
C ASN A 116 -0.82 -0.01 -13.79
N GLU A 117 0.50 0.16 -13.64
CA GLU A 117 1.42 0.02 -14.77
C GLU A 117 1.34 -1.35 -15.46
N ARG A 118 1.04 -2.41 -14.70
CA ARG A 118 0.94 -3.76 -15.29
C ARG A 118 -0.10 -3.86 -16.39
N LEU A 119 -1.14 -3.03 -16.31
CA LEU A 119 -2.21 -3.03 -17.31
C LEU A 119 -1.66 -2.62 -18.67
N ARG A 120 -0.80 -1.60 -18.68
CA ARG A 120 -0.18 -1.13 -19.92
C ARG A 120 0.71 -2.24 -20.47
N ASP A 121 1.25 -3.06 -19.57
CA ASP A 121 2.08 -4.20 -19.97
C ASP A 121 1.23 -5.21 -20.75
N ARG A 122 -0.01 -5.40 -20.30
CA ARG A 122 -0.98 -6.30 -20.92
C ARG A 122 -1.31 -5.90 -22.36
N ILE A 123 -1.63 -4.62 -22.56
CA ILE A 123 -1.96 -4.08 -23.87
C ILE A 123 -0.78 -4.27 -24.82
N ASN A 124 0.43 -4.03 -24.33
CA ASN A 124 1.59 -4.23 -25.21
C ASN A 124 1.61 -5.71 -25.62
N GLN A 125 1.42 -6.59 -24.65
CA GLN A 125 1.41 -8.02 -24.93
C GLN A 125 0.35 -8.38 -25.97
N LEU A 126 -0.79 -7.69 -25.93
CA LEU A 126 -1.86 -7.95 -26.88
C LEU A 126 -1.46 -7.54 -28.29
N PHE A 127 -0.82 -6.39 -28.43
CA PHE A 127 -0.38 -5.90 -29.74
C PHE A 127 0.69 -6.80 -30.33
N GLU A 128 1.57 -7.34 -29.49
CA GLU A 128 2.60 -8.26 -29.98
C GLU A 128 1.88 -9.43 -30.66
N ARG A 129 0.86 -9.97 -29.98
CA ARG A 129 0.08 -11.07 -30.51
C ARG A 129 -0.49 -10.68 -31.87
N ILE A 130 -1.21 -9.55 -31.92
CA ILE A 130 -1.81 -9.08 -33.16
C ILE A 130 -0.74 -9.01 -34.24
N GLU A 131 0.33 -8.27 -33.98
CA GLU A 131 1.41 -8.13 -34.97
C GLU A 131 1.98 -9.46 -35.38
N THR A 132 2.14 -10.39 -34.44
CA THR A 132 2.68 -11.70 -34.79
C THR A 132 1.78 -12.47 -35.77
N SER A 133 0.48 -12.53 -35.47
CA SER A 133 -0.42 -13.25 -36.36
C SER A 133 -0.49 -12.57 -37.72
N LEU A 134 -0.17 -11.28 -37.75
CA LEU A 134 -0.18 -10.52 -38.99
C LEU A 134 1.13 -10.81 -39.73
N ARG A 135 2.18 -11.07 -38.95
CA ARG A 135 3.50 -11.40 -39.48
C ARG A 135 3.43 -12.80 -40.12
N GLN A 136 2.73 -13.72 -39.47
CA GLN A 136 2.60 -15.08 -39.99
C GLN A 136 1.94 -15.10 -41.36
N ILE A 137 0.82 -14.39 -41.50
CA ILE A 137 0.07 -14.32 -42.76
C ILE A 137 0.94 -13.87 -43.95
N LEU A 138 1.72 -12.82 -43.74
CA LEU A 138 2.58 -12.28 -44.79
C LEU A 138 3.65 -13.27 -45.28
N ARG A 139 3.87 -14.36 -44.56
CA ARG A 139 4.87 -15.34 -44.99
C ARG A 139 4.25 -16.36 -45.93
N GLU A 140 2.93 -16.28 -46.11
CA GLU A 140 2.18 -17.16 -47.01
C GLU A 140 2.44 -16.79 -48.48
N ARG A 141 3.08 -15.63 -48.67
CA ARG A 141 3.36 -15.14 -50.02
C ARG A 141 4.42 -15.88 -50.79
N LYS A 147 6.38 -13.45 -52.49
CA LYS A 147 5.00 -13.00 -52.67
C LYS A 147 4.88 -12.01 -53.83
N SER A 148 5.21 -10.75 -53.56
CA SER A 148 5.18 -9.67 -54.53
C SER A 148 5.82 -8.33 -53.96
N PHE A 149 6.97 -7.85 -54.58
CA PHE A 149 7.80 -6.52 -54.45
C PHE A 149 8.93 -6.58 -53.18
N PRO A 150 10.35 -6.89 -53.36
CA PRO A 150 11.21 -7.14 -52.10
C PRO A 150 10.54 -6.81 -50.77
N VAL A 151 9.86 -7.77 -50.16
CA VAL A 151 9.14 -7.52 -48.91
C VAL A 151 9.74 -8.25 -47.71
N ASP A 152 9.72 -7.59 -46.55
CA ASP A 152 10.22 -8.17 -45.31
C ASP A 152 9.05 -8.33 -44.34
N GLU A 153 8.69 -9.57 -44.04
CA GLU A 153 7.59 -9.87 -43.14
C GLU A 153 7.60 -8.99 -41.89
N ASN A 154 8.69 -9.08 -41.12
CA ASN A 154 8.82 -8.31 -39.88
C ASN A 154 8.55 -6.82 -40.04
N ILE A 155 9.07 -6.23 -41.13
CA ILE A 155 8.89 -4.81 -41.38
C ILE A 155 7.46 -4.41 -41.78
N LEU A 156 6.89 -5.13 -42.76
CA LEU A 156 5.53 -4.87 -43.22
C LEU A 156 4.48 -5.05 -42.12
N ALA A 157 4.70 -6.00 -41.22
CA ALA A 157 3.76 -6.26 -40.16
C ALA A 157 3.71 -5.07 -39.21
N ALA A 158 4.87 -4.47 -38.97
CA ALA A 158 4.97 -3.31 -38.08
C ALA A 158 4.32 -2.07 -38.73
N GLN A 159 4.52 -1.89 -40.04
CA GLN A 159 3.93 -0.77 -40.76
C GLN A 159 2.42 -0.90 -40.68
N LEU A 160 1.93 -2.10 -40.98
CA LEU A 160 0.50 -2.40 -40.96
C LEU A 160 -0.15 -2.13 -39.60
N LEU A 161 0.32 -2.81 -38.56
CA LEU A 161 -0.26 -2.59 -37.24
C LEU A 161 -0.07 -1.13 -36.85
N GLY A 162 1.01 -0.53 -37.31
CA GLY A 162 1.26 0.86 -37.00
C GLY A 162 0.15 1.74 -37.56
N GLN A 163 -0.12 1.58 -38.85
CA GLN A 163 -1.15 2.34 -39.54
C GLN A 163 -2.44 2.26 -38.72
N VAL A 164 -2.84 1.03 -38.38
CA VAL A 164 -4.05 0.82 -37.58
C VAL A 164 -3.99 1.61 -36.27
N GLU A 165 -2.87 1.49 -35.54
CA GLU A 165 -2.69 2.17 -34.26
C GLU A 165 -2.84 3.69 -34.40
N GLY A 166 -2.39 4.21 -35.55
CA GLY A 166 -2.50 5.64 -35.82
C GLY A 166 -3.96 6.00 -35.98
N SER A 167 -4.76 5.06 -36.49
CA SER A 167 -6.17 5.28 -36.68
C SER A 167 -6.94 5.31 -35.36
N LEU A 168 -6.48 4.51 -34.41
CA LEU A 168 -7.11 4.43 -33.10
C LEU A 168 -6.85 5.71 -32.32
N ASN A 169 -5.63 6.22 -32.37
CA ASN A 169 -5.31 7.46 -31.67
C ASN A 169 -6.05 8.66 -32.28
N ARG A 170 -6.14 8.70 -33.61
CA ARG A 170 -6.84 9.78 -34.27
C ARG A 170 -8.32 9.69 -33.86
N PHE A 171 -8.79 8.47 -33.64
CA PHE A 171 -10.17 8.25 -33.23
C PHE A 171 -10.39 8.81 -31.83
N VAL A 172 -9.50 8.45 -30.92
CA VAL A 172 -9.59 8.93 -29.55
C VAL A 172 -9.39 10.44 -29.42
N ARG A 173 -8.21 10.92 -29.82
CA ARG A 173 -7.90 12.33 -29.67
C ARG A 173 -8.89 13.24 -30.36
N SER A 174 -9.49 12.77 -31.45
CA SER A 174 -10.48 13.57 -32.19
C SER A 174 -11.86 13.51 -31.54
N ASP A 175 -11.93 13.14 -30.27
CA ASP A 175 -13.22 13.06 -29.59
C ASP A 175 -14.14 12.10 -30.33
N PHE A 176 -13.56 11.06 -30.93
CA PHE A 176 -14.29 10.03 -31.66
C PHE A 176 -14.92 10.49 -32.98
N LYS A 177 -14.42 11.58 -33.55
CA LYS A 177 -14.96 12.08 -34.81
C LYS A 177 -14.37 11.41 -36.05
N TYR A 178 -13.08 11.11 -36.03
CA TYR A 178 -12.43 10.44 -37.16
C TYR A 178 -12.61 8.91 -37.08
N LEU A 179 -13.68 8.39 -37.66
CA LEU A 179 -13.93 6.95 -37.64
C LEU A 179 -12.76 6.15 -38.22
N PRO A 180 -12.27 5.13 -37.49
CA PRO A 180 -11.15 4.28 -37.88
C PRO A 180 -11.28 3.56 -39.23
N THR A 181 -12.51 3.19 -39.59
CA THR A 181 -12.76 2.47 -40.84
C THR A 181 -12.93 3.37 -42.06
N ALA A 182 -13.03 4.67 -41.83
CA ALA A 182 -13.21 5.61 -42.95
C ALA A 182 -12.03 5.51 -43.90
N ASN A 183 -12.34 5.55 -45.19
CA ASN A 183 -11.33 5.48 -46.23
C ASN A 183 -10.45 4.24 -46.20
N PHE A 184 -10.86 3.19 -45.49
CA PHE A 184 -10.06 1.97 -45.46
C PHE A 184 -9.99 1.35 -46.88
N ASP A 185 -11.11 1.41 -47.60
CA ASP A 185 -11.15 0.88 -48.95
C ASP A 185 -10.10 1.52 -49.86
N GLU A 186 -9.95 2.85 -49.77
CA GLU A 186 -8.95 3.53 -50.59
C GLU A 186 -7.56 3.12 -50.17
N TYR A 187 -7.32 3.15 -48.86
CA TYR A 187 -6.03 2.75 -48.29
C TYR A 187 -5.62 1.34 -48.76
N TRP A 188 -6.55 0.40 -48.71
CA TRP A 188 -6.29 -0.97 -49.12
C TRP A 188 -6.16 -1.13 -50.63
N ALA A 189 -6.79 -0.22 -51.37
CA ALA A 189 -6.70 -0.25 -52.83
C ALA A 189 -5.26 0.00 -53.29
N LEU A 190 -4.61 1.01 -52.72
CA LEU A 190 -3.23 1.34 -53.08
C LEU A 190 -2.23 0.32 -52.58
N LEU A 191 -2.49 -0.23 -51.41
CA LEU A 191 -1.59 -1.21 -50.80
C LEU A 191 -1.62 -2.58 -51.48
N SER A 192 -2.81 -3.18 -51.54
CA SER A 192 -2.98 -4.49 -52.15
C SER A 192 -2.42 -4.57 -53.56
N ALA A 193 -2.56 -3.49 -54.32
CA ALA A 193 -2.07 -3.43 -55.69
C ALA A 193 -0.56 -3.47 -55.77
N GLN A 194 0.10 -2.79 -54.84
CA GLN A 194 1.56 -2.73 -54.86
C GLN A 194 2.21 -3.88 -54.12
N ILE A 195 1.38 -4.65 -53.42
CA ILE A 195 1.86 -5.78 -52.65
C ILE A 195 1.53 -7.09 -53.38
N LYS A 196 1.14 -6.95 -54.64
CA LYS A 196 0.79 -8.10 -55.48
C LYS A 196 -0.30 -8.96 -54.83
N ASN B 8 17.26 32.27 -18.18
CA ASN B 8 17.54 30.82 -18.33
C ASN B 8 16.77 29.96 -17.34
N ARG B 9 16.21 30.58 -16.30
CA ARG B 9 15.47 29.81 -15.31
C ARG B 9 14.20 29.23 -15.92
N ARG B 10 13.51 30.00 -16.74
CA ARG B 10 12.29 29.51 -17.39
C ARG B 10 12.63 28.23 -18.17
N GLU B 11 13.74 28.30 -18.91
CA GLU B 11 14.20 27.18 -19.73
C GLU B 11 14.64 25.99 -18.88
N GLU B 12 15.23 26.30 -17.73
CA GLU B 12 15.72 25.27 -16.82
C GLU B 12 14.59 24.39 -16.32
N ILE B 13 13.39 24.97 -16.23
CA ILE B 13 12.21 24.25 -15.79
C ILE B 13 11.78 23.37 -16.95
N LEU B 14 11.68 23.95 -18.14
CA LEU B 14 11.27 23.20 -19.31
C LEU B 14 12.17 21.99 -19.57
N GLN B 15 13.48 22.17 -19.47
CA GLN B 15 14.41 21.07 -19.69
C GLN B 15 14.20 19.99 -18.65
N ALA B 16 14.12 20.40 -17.39
CA ALA B 16 13.89 19.49 -16.27
C ALA B 16 12.66 18.64 -16.54
N LEU B 17 11.53 19.30 -16.77
CA LEU B 17 10.27 18.61 -17.05
C LEU B 17 10.49 17.67 -18.24
N ALA B 18 11.09 18.22 -19.29
CA ALA B 18 11.35 17.45 -20.49
C ALA B 18 12.15 16.19 -20.12
N GLU B 19 13.14 16.36 -19.25
CA GLU B 19 13.99 15.27 -18.80
C GLU B 19 13.25 14.20 -18.00
N MET B 20 12.29 14.62 -17.17
CA MET B 20 11.53 13.67 -16.37
C MET B 20 10.54 12.90 -17.24
N LEU B 21 10.08 13.56 -18.29
CA LEU B 21 9.14 12.97 -19.22
C LEU B 21 9.89 11.94 -20.05
N GLU B 22 11.21 12.12 -20.14
CA GLU B 22 12.08 11.24 -20.92
C GLU B 22 12.50 10.01 -20.12
N SER B 23 12.47 10.13 -18.78
CA SER B 23 12.82 9.03 -17.90
C SER B 23 11.58 8.15 -17.67
N ASN B 24 11.72 7.15 -16.82
CA ASN B 24 10.61 6.24 -16.50
C ASN B 24 9.50 6.96 -15.77
N GLU B 25 9.84 8.00 -15.02
CA GLU B 25 8.85 8.76 -14.28
C GLU B 25 7.85 9.42 -15.21
N GLY B 26 8.27 9.60 -16.46
CA GLY B 26 7.39 10.23 -17.44
C GLY B 26 6.13 9.43 -17.71
N ALA B 27 6.19 8.15 -17.35
CA ALA B 27 5.07 7.25 -17.55
C ALA B 27 3.94 7.58 -16.57
N SER B 28 4.24 8.43 -15.59
CA SER B 28 3.23 8.79 -14.61
C SER B 28 3.19 10.28 -14.32
N ARG B 29 2.30 10.66 -13.42
CA ARG B 29 2.17 12.05 -13.04
C ARG B 29 3.49 12.62 -12.55
N ILE B 30 3.90 13.76 -13.11
CA ILE B 30 5.12 14.43 -12.69
C ILE B 30 4.71 15.55 -11.74
N THR B 31 4.66 15.22 -10.46
CA THR B 31 4.26 16.17 -9.43
C THR B 31 5.13 17.41 -9.44
N THR B 32 4.59 18.55 -9.03
CA THR B 32 5.40 19.76 -9.01
C THR B 32 6.50 19.55 -7.96
N ALA B 33 6.18 18.82 -6.91
CA ALA B 33 7.14 18.53 -5.85
C ALA B 33 8.44 17.94 -6.41
N LYS B 34 8.30 16.97 -7.32
CA LYS B 34 9.44 16.31 -7.94
C LYS B 34 10.08 17.18 -9.02
N LEU B 35 9.26 17.96 -9.72
CA LEU B 35 9.80 18.81 -10.77
C LEU B 35 10.72 19.81 -10.10
N ALA B 36 10.31 20.32 -8.95
CA ALA B 36 11.12 21.28 -8.21
C ALA B 36 12.45 20.63 -7.88
N LYS B 37 12.39 19.40 -7.36
CA LYS B 37 13.59 18.64 -7.00
C LYS B 37 14.58 18.60 -8.15
N GLN B 38 14.10 18.15 -9.32
CA GLN B 38 14.94 18.04 -10.52
C GLN B 38 15.60 19.36 -10.90
N VAL B 39 14.81 20.43 -10.90
CA VAL B 39 15.27 21.76 -11.26
C VAL B 39 16.36 22.24 -10.29
N GLY B 40 16.15 21.98 -9.01
CA GLY B 40 17.11 22.41 -7.99
C GLY B 40 16.49 23.40 -7.02
N VAL B 41 15.53 24.19 -7.52
CA VAL B 41 14.85 25.20 -6.71
C VAL B 41 13.66 24.64 -5.94
N SER B 42 12.84 25.54 -5.39
CA SER B 42 11.66 25.15 -4.63
C SER B 42 10.42 25.27 -5.48
N GLU B 43 9.28 24.83 -4.92
CA GLU B 43 8.01 24.89 -5.64
C GLU B 43 7.53 26.31 -5.86
N ALA B 44 7.73 27.16 -4.88
CA ALA B 44 7.32 28.55 -5.01
C ALA B 44 8.13 29.21 -6.12
N ALA B 45 9.34 28.71 -6.33
CA ALA B 45 10.24 29.24 -7.35
C ALA B 45 9.68 28.94 -8.74
N LEU B 46 9.39 27.67 -8.98
CA LEU B 46 8.83 27.20 -10.24
C LEU B 46 7.60 28.01 -10.66
N TYR B 47 6.83 28.45 -9.67
CA TYR B 47 5.64 29.21 -9.94
C TYR B 47 5.80 30.70 -10.25
N ARG B 48 6.91 31.31 -9.84
CA ARG B 48 7.09 32.72 -10.18
C ARG B 48 7.50 32.82 -11.65
N HIS B 49 7.68 31.65 -12.28
CA HIS B 49 8.04 31.59 -13.69
C HIS B 49 6.87 31.04 -14.50
N PHE B 50 6.02 30.24 -13.86
CA PHE B 50 4.85 29.66 -14.52
C PHE B 50 3.62 29.73 -13.60
N PRO B 51 2.58 30.44 -14.02
CA PRO B 51 1.33 30.59 -13.25
C PRO B 51 0.80 29.27 -12.72
N SER B 52 0.52 28.34 -13.63
CA SER B 52 0.01 27.03 -13.26
C SER B 52 0.90 25.95 -13.84
N LYS B 53 0.58 24.70 -13.52
CA LYS B 53 1.33 23.57 -14.03
C LYS B 53 1.02 23.42 -15.53
N THR B 54 -0.13 23.96 -15.92
CA THR B 54 -0.56 23.89 -17.31
C THR B 54 0.27 24.83 -18.18
N ARG B 55 0.80 25.87 -17.57
CA ARG B 55 1.63 26.80 -18.32
C ARG B 55 2.99 26.17 -18.55
N MET B 56 3.34 25.19 -17.73
CA MET B 56 4.62 24.51 -17.88
C MET B 56 4.59 23.59 -19.11
N PHE B 57 3.48 22.87 -19.29
CA PHE B 57 3.34 21.98 -20.44
C PHE B 57 3.08 22.79 -21.70
N GLU B 58 2.36 23.89 -21.54
CA GLU B 58 2.05 24.79 -22.66
C GLU B 58 3.36 25.27 -23.29
N GLY B 59 4.32 25.64 -22.46
CA GLY B 59 5.60 26.11 -22.95
C GLY B 59 6.38 25.01 -23.63
N LEU B 60 5.99 23.77 -23.41
CA LEU B 60 6.68 22.67 -24.04
C LEU B 60 6.03 22.41 -25.41
N ILE B 61 4.71 22.52 -25.47
CA ILE B 61 3.99 22.32 -26.73
C ILE B 61 4.43 23.39 -27.75
N GLU B 62 4.79 24.56 -27.23
CA GLU B 62 5.23 25.66 -28.06
C GLU B 62 6.53 25.30 -28.74
N PHE B 63 7.47 24.75 -27.97
CA PHE B 63 8.74 24.36 -28.54
C PHE B 63 8.51 23.37 -29.67
N ILE B 64 7.68 22.36 -29.41
CA ILE B 64 7.38 21.35 -30.42
C ILE B 64 6.75 21.97 -31.66
N GLU B 65 5.75 22.81 -31.47
CA GLU B 65 5.06 23.45 -32.58
C GLU B 65 6.03 24.17 -33.51
N GLU B 66 6.87 25.03 -32.94
CA GLU B 66 7.82 25.77 -33.74
C GLU B 66 8.91 24.88 -34.32
N SER B 67 9.42 23.96 -33.52
CA SER B 67 10.46 23.05 -34.00
C SER B 67 10.05 22.35 -35.30
N LEU B 68 8.78 21.96 -35.37
CA LEU B 68 8.20 21.22 -36.50
C LEU B 68 7.67 22.03 -37.68
N MET B 69 6.96 23.12 -37.44
CA MET B 69 6.42 23.90 -38.54
C MET B 69 7.50 24.68 -39.25
N SER B 70 8.42 25.24 -38.49
CA SER B 70 9.51 26.01 -39.07
C SER B 70 10.27 25.10 -40.04
N ARG B 71 10.45 23.84 -39.63
CA ARG B 71 11.13 22.87 -40.47
C ARG B 71 10.28 22.56 -41.69
N ILE B 72 8.98 22.36 -41.49
CA ILE B 72 8.09 22.06 -42.60
C ILE B 72 8.08 23.19 -43.64
N ASN B 73 7.93 24.44 -43.19
CA ASN B 73 7.94 25.56 -44.12
C ASN B 73 9.26 25.64 -44.87
N ARG B 74 10.35 25.29 -44.21
CA ARG B 74 11.65 25.34 -44.87
C ARG B 74 11.70 24.33 -46.01
N ILE B 75 10.99 23.22 -45.85
CA ILE B 75 10.96 22.17 -46.87
C ILE B 75 10.28 22.71 -48.13
N PHE B 76 9.14 23.40 -47.97
CA PHE B 76 8.43 23.96 -49.13
C PHE B 76 9.35 24.85 -49.91
N ASP B 77 10.07 25.67 -49.18
CA ASP B 77 10.98 26.62 -49.78
C ASP B 77 12.19 25.96 -50.41
N GLU B 78 12.85 25.07 -49.65
CA GLU B 78 14.06 24.38 -50.10
C GLU B 78 13.91 23.23 -51.11
N GLU B 79 12.79 22.52 -51.09
CA GLU B 79 12.54 21.40 -52.01
C GLU B 79 11.31 21.66 -52.87
N LYS B 80 11.43 21.42 -54.16
CA LYS B 80 10.32 21.67 -55.07
C LYS B 80 9.71 20.45 -55.74
N ASP B 81 10.26 19.28 -55.42
CA ASP B 81 9.77 18.00 -55.94
C ASP B 81 8.70 17.53 -54.95
N THR B 82 7.50 17.23 -55.45
CA THR B 82 6.42 16.79 -54.56
C THR B 82 6.79 15.61 -53.67
N LEU B 83 7.04 14.45 -54.27
CA LEU B 83 7.37 13.28 -53.46
C LEU B 83 8.48 13.53 -52.44
N ASN B 84 9.56 14.16 -52.89
CA ASN B 84 10.66 14.42 -51.97
C ASN B 84 10.17 15.28 -50.82
N ARG B 85 9.21 16.15 -51.11
CA ARG B 85 8.67 17.04 -50.10
C ARG B 85 7.92 16.21 -49.05
N ILE B 86 7.19 15.20 -49.51
CA ILE B 86 6.46 14.30 -48.61
C ILE B 86 7.44 13.48 -47.76
N ARG B 87 8.42 12.89 -48.44
CA ARG B 87 9.42 12.07 -47.77
C ARG B 87 10.05 12.84 -46.64
N LEU B 88 10.50 14.07 -46.93
CA LEU B 88 11.16 14.91 -45.94
C LEU B 88 10.31 15.21 -44.71
N VAL B 89 9.09 15.68 -44.90
CA VAL B 89 8.24 15.98 -43.77
C VAL B 89 8.04 14.76 -42.87
N MET B 90 7.70 13.62 -43.46
CA MET B 90 7.49 12.40 -42.68
C MET B 90 8.75 12.00 -41.90
N GLN B 91 9.90 12.19 -42.52
CA GLN B 91 11.15 11.88 -41.87
C GLN B 91 11.37 12.90 -40.74
N LEU B 92 11.10 14.18 -41.03
CA LEU B 92 11.24 15.23 -40.03
C LEU B 92 10.42 14.89 -38.78
N LEU B 93 9.14 14.59 -38.98
CA LEU B 93 8.25 14.22 -37.88
C LEU B 93 8.79 13.04 -37.04
N LEU B 94 9.09 11.92 -37.68
CA LEU B 94 9.60 10.75 -36.95
C LEU B 94 10.95 11.02 -36.30
N ALA B 95 11.81 11.75 -37.01
CA ALA B 95 13.14 12.05 -36.50
C ALA B 95 13.10 12.93 -35.23
N PHE B 96 12.18 13.89 -35.20
CA PHE B 96 12.03 14.79 -34.05
C PHE B 96 11.59 14.00 -32.84
N ALA B 97 10.66 13.07 -33.08
CA ALA B 97 10.15 12.23 -32.01
C ALA B 97 11.29 11.43 -31.42
N GLU B 98 12.01 10.72 -32.28
CA GLU B 98 13.10 9.88 -31.82
C GLU B 98 14.12 10.63 -30.99
N ARG B 99 14.44 11.86 -31.38
CA ARG B 99 15.43 12.64 -30.64
C ARG B 99 14.86 13.32 -29.39
N ASN B 100 13.55 13.23 -29.20
CA ASN B 100 12.90 13.84 -28.04
C ASN B 100 11.86 12.89 -27.41
N PRO B 101 12.30 11.73 -26.89
CA PRO B 101 11.41 10.75 -26.27
C PRO B 101 10.38 11.37 -25.33
N GLY B 102 10.81 12.41 -24.62
CA GLY B 102 9.93 13.07 -23.70
C GLY B 102 8.79 13.82 -24.37
N LEU B 103 9.10 14.76 -25.24
CA LEU B 103 8.06 15.55 -25.91
C LEU B 103 7.07 14.67 -26.67
N THR B 104 7.51 13.45 -27.00
CA THR B 104 6.69 12.49 -27.74
C THR B 104 5.57 11.96 -26.85
N ARG B 105 5.76 12.03 -25.54
CA ARG B 105 4.72 11.55 -24.62
C ARG B 105 3.63 12.62 -24.58
N ILE B 106 3.93 13.78 -25.16
CA ILE B 106 3.01 14.91 -25.22
C ILE B 106 2.24 14.85 -26.54
N LEU B 107 2.98 14.61 -27.63
CA LEU B 107 2.37 14.53 -28.95
C LEU B 107 1.35 13.39 -29.08
N SER B 108 1.63 12.24 -28.46
CA SER B 108 0.70 11.11 -28.52
C SER B 108 -0.38 11.34 -27.47
N GLY B 109 -0.15 12.35 -26.64
CA GLY B 109 -1.13 12.71 -25.62
C GLY B 109 -1.11 11.95 -24.32
N HIS B 110 -0.30 10.90 -24.23
CA HIS B 110 -0.25 10.10 -23.03
C HIS B 110 0.14 10.91 -21.79
N ALA B 111 1.09 11.82 -21.94
CA ALA B 111 1.51 12.59 -20.79
C ALA B 111 0.53 13.71 -20.46
N LEU B 112 -0.38 13.99 -21.40
CA LEU B 112 -1.36 15.04 -21.20
C LEU B 112 -2.57 14.63 -20.38
N MET B 113 -2.69 13.33 -20.11
CA MET B 113 -3.82 12.82 -19.33
C MET B 113 -3.84 13.33 -17.88
N PHE B 114 -2.70 13.76 -17.36
CA PHE B 114 -2.65 14.26 -15.99
C PHE B 114 -2.88 15.76 -15.92
N GLU B 115 -2.91 16.42 -17.07
CA GLU B 115 -3.07 17.86 -17.12
C GLU B 115 -4.39 18.38 -17.69
N ASN B 116 -4.55 19.70 -17.66
CA ASN B 116 -5.76 20.32 -18.16
C ASN B 116 -6.05 20.03 -19.64
N GLU B 117 -7.30 19.68 -19.92
CA GLU B 117 -7.76 19.34 -21.27
C GLU B 117 -7.29 20.32 -22.35
N ARG B 118 -7.39 21.62 -22.07
CA ARG B 118 -6.98 22.66 -23.01
C ARG B 118 -5.73 22.23 -23.76
N LEU B 119 -4.75 21.72 -23.03
CA LEU B 119 -3.49 21.31 -23.63
C LEU B 119 -3.66 20.29 -24.76
N ARG B 120 -4.66 19.43 -24.64
CA ARG B 120 -4.92 18.42 -25.66
C ARG B 120 -5.63 18.98 -26.89
N ASP B 121 -6.36 20.07 -26.71
CA ASP B 121 -7.04 20.69 -27.83
C ASP B 121 -5.97 21.36 -28.67
N ARG B 122 -4.94 21.88 -28.01
CA ARG B 122 -3.87 22.55 -28.72
C ARG B 122 -3.08 21.55 -29.57
N ILE B 123 -2.90 20.33 -29.05
CA ILE B 123 -2.21 19.25 -29.77
C ILE B 123 -3.00 18.94 -31.05
N ASN B 124 -4.33 18.82 -30.92
CA ASN B 124 -5.18 18.55 -32.07
C ASN B 124 -5.03 19.69 -33.08
N GLN B 125 -4.62 20.86 -32.61
CA GLN B 125 -4.44 21.96 -33.54
C GLN B 125 -3.14 21.77 -34.32
N LEU B 126 -2.13 21.30 -33.60
CA LEU B 126 -0.83 21.04 -34.16
C LEU B 126 -0.95 20.01 -35.27
N PHE B 127 -1.63 18.90 -34.98
CA PHE B 127 -1.77 17.86 -35.99
C PHE B 127 -2.53 18.34 -37.21
N GLU B 128 -3.44 19.29 -37.00
CA GLU B 128 -4.21 19.86 -38.09
C GLU B 128 -3.29 20.69 -38.99
N ARG B 129 -2.37 21.46 -38.40
CA ARG B 129 -1.46 22.27 -39.21
C ARG B 129 -0.53 21.37 -40.02
N ILE B 130 -0.12 20.26 -39.40
CA ILE B 130 0.75 19.27 -40.04
C ILE B 130 0.03 18.63 -41.23
N GLU B 131 -1.20 18.18 -41.00
CA GLU B 131 -1.96 17.53 -42.05
C GLU B 131 -2.29 18.47 -43.18
N THR B 132 -2.50 19.74 -42.85
CA THR B 132 -2.82 20.72 -43.89
C THR B 132 -1.60 20.85 -44.78
N SER B 133 -0.42 20.84 -44.17
CA SER B 133 0.84 20.96 -44.90
C SER B 133 0.89 19.88 -45.98
N LEU B 134 0.69 18.63 -45.56
CA LEU B 134 0.72 17.48 -46.48
C LEU B 134 -0.33 17.63 -47.57
N ARG B 135 -1.56 17.89 -47.16
CA ARG B 135 -2.65 18.06 -48.08
C ARG B 135 -2.33 19.15 -49.10
N GLN B 136 -1.49 20.10 -48.70
CA GLN B 136 -1.11 21.21 -49.60
C GLN B 136 0.01 20.80 -50.55
N ILE B 137 0.96 20.02 -50.04
CA ILE B 137 2.08 19.54 -50.83
C ILE B 137 1.57 18.61 -51.92
N LEU B 138 0.53 17.85 -51.61
CA LEU B 138 -0.03 16.91 -52.57
C LEU B 138 -0.82 17.59 -53.68
N ARG B 139 -1.58 18.62 -53.33
CA ARG B 139 -2.39 19.34 -54.31
C ARG B 139 -1.57 19.95 -55.43
N GLU B 140 -0.32 20.31 -55.12
CA GLU B 140 0.55 20.94 -56.11
C GLU B 140 1.22 20.01 -57.09
N ARG B 141 0.77 18.76 -57.19
CA ARG B 141 1.43 17.85 -58.11
C ARG B 141 1.00 18.04 -59.56
N LYS B 142 -0.29 18.21 -59.77
CA LYS B 142 -0.78 18.38 -61.12
C LYS B 142 -0.14 19.61 -61.80
N LEU B 143 0.07 20.67 -61.03
CA LEU B 143 0.69 21.88 -61.59
C LEU B 143 2.19 21.68 -61.85
N ARG B 144 2.86 21.04 -60.91
CA ARG B 144 4.29 20.79 -61.02
C ARG B 144 4.66 19.69 -62.02
N GLU B 145 3.94 18.57 -62.00
CA GLU B 145 4.25 17.45 -62.89
C GLU B 145 3.18 17.15 -63.92
N GLY B 146 2.03 17.80 -63.80
CA GLY B 146 0.95 17.56 -64.74
C GLY B 146 0.25 16.26 -64.41
N LYS B 147 0.73 15.59 -63.37
CA LYS B 147 0.15 14.32 -62.91
C LYS B 147 -0.23 14.41 -61.44
N SER B 148 -1.34 13.79 -61.06
CA SER B 148 -1.76 13.81 -59.65
C SER B 148 -1.63 12.40 -59.08
N PHE B 149 -2.27 12.16 -57.95
CA PHE B 149 -2.17 10.84 -57.35
C PHE B 149 -3.37 9.93 -57.63
N PRO B 150 -3.19 8.62 -57.46
CA PRO B 150 -4.26 7.65 -57.71
C PRO B 150 -5.33 7.70 -56.62
N VAL B 151 -5.11 8.58 -55.64
CA VAL B 151 -6.04 8.75 -54.54
C VAL B 151 -6.18 10.22 -54.18
N ASP B 152 -7.35 10.57 -53.66
CA ASP B 152 -7.68 11.94 -53.24
C ASP B 152 -6.65 12.49 -52.24
N GLU B 153 -6.24 13.73 -52.43
CA GLU B 153 -5.27 14.38 -51.55
C GLU B 153 -5.65 14.38 -50.06
N ASN B 154 -6.94 14.51 -49.76
CA ASN B 154 -7.41 14.52 -48.38
C ASN B 154 -7.11 13.17 -47.74
N ILE B 155 -7.71 12.14 -48.32
CA ILE B 155 -7.58 10.79 -47.87
C ILE B 155 -6.10 10.39 -47.76
N LEU B 156 -5.30 10.72 -48.77
CA LEU B 156 -3.87 10.38 -48.73
C LEU B 156 -3.20 11.10 -47.54
N ALA B 157 -3.45 12.39 -47.37
CA ALA B 157 -2.84 13.15 -46.29
C ALA B 157 -3.15 12.52 -44.96
N ALA B 158 -4.43 12.23 -44.73
CA ALA B 158 -4.84 11.65 -43.47
C ALA B 158 -4.20 10.30 -43.22
N GLN B 159 -3.90 9.59 -44.29
CA GLN B 159 -3.30 8.29 -44.17
C GLN B 159 -1.83 8.41 -43.79
N LEU B 160 -1.13 9.34 -44.45
CA LEU B 160 0.29 9.54 -44.17
C LEU B 160 0.50 9.94 -42.71
N LEU B 161 -0.28 10.91 -42.24
CA LEU B 161 -0.13 11.38 -40.87
C LEU B 161 -0.49 10.26 -39.89
N GLY B 162 -1.40 9.40 -40.30
CA GLY B 162 -1.79 8.28 -39.45
C GLY B 162 -0.60 7.38 -39.19
N GLN B 163 0.15 7.04 -40.23
CA GLN B 163 1.35 6.18 -40.06
C GLN B 163 2.28 6.77 -39.01
N VAL B 164 2.46 8.09 -39.06
CA VAL B 164 3.32 8.81 -38.15
C VAL B 164 2.79 8.73 -36.73
N GLU B 165 1.48 8.95 -36.55
CA GLU B 165 0.92 8.88 -35.21
C GLU B 165 1.05 7.46 -34.68
N GLY B 166 0.89 6.50 -35.58
CA GLY B 166 1.04 5.11 -35.17
C GLY B 166 2.45 4.87 -34.68
N SER B 167 3.45 5.29 -35.45
CA SER B 167 4.84 5.10 -35.06
C SER B 167 5.12 5.77 -33.72
N LEU B 168 4.52 6.93 -33.52
CA LEU B 168 4.71 7.65 -32.28
C LEU B 168 4.11 6.88 -31.12
N ASN B 169 2.93 6.31 -31.33
CA ASN B 169 2.27 5.57 -30.27
C ASN B 169 3.05 4.33 -29.86
N ARG B 170 3.64 3.64 -30.83
CA ARG B 170 4.44 2.45 -30.56
C ARG B 170 5.73 2.86 -29.84
N PHE B 171 6.32 3.98 -30.25
CA PHE B 171 7.55 4.44 -29.62
C PHE B 171 7.33 4.62 -28.11
N VAL B 172 6.32 5.40 -27.74
CA VAL B 172 6.01 5.62 -26.33
C VAL B 172 5.55 4.31 -25.66
N ARG B 173 4.72 3.57 -26.36
CA ARG B 173 4.20 2.29 -25.89
C ARG B 173 5.34 1.37 -25.42
N SER B 174 6.19 0.99 -26.35
CA SER B 174 7.31 0.10 -26.08
C SER B 174 8.37 0.69 -25.15
N ASP B 175 8.02 1.75 -24.43
CA ASP B 175 8.95 2.40 -23.51
C ASP B 175 10.15 2.93 -24.29
N PHE B 176 9.90 3.37 -25.52
CA PHE B 176 10.92 3.92 -26.43
C PHE B 176 11.83 2.86 -27.04
N LYS B 177 11.32 1.65 -27.22
CA LYS B 177 12.10 0.58 -27.83
C LYS B 177 11.92 0.53 -29.35
N TYR B 178 10.71 0.81 -29.82
CA TYR B 178 10.45 0.83 -31.26
C TYR B 178 10.78 2.22 -31.79
N LEU B 179 11.94 2.34 -32.45
CA LEU B 179 12.36 3.61 -32.99
C LEU B 179 11.48 3.98 -34.17
N PRO B 180 11.03 5.25 -34.22
CA PRO B 180 10.17 5.73 -35.30
C PRO B 180 10.84 5.75 -36.67
N THR B 181 12.12 6.09 -36.69
CA THR B 181 12.85 6.15 -37.96
C THR B 181 13.32 4.80 -38.44
N ALA B 182 13.14 3.77 -37.61
CA ALA B 182 13.56 2.43 -38.00
C ALA B 182 12.90 1.98 -39.29
N ASN B 183 13.70 1.44 -40.21
CA ASN B 183 13.21 0.94 -41.46
C ASN B 183 12.33 1.93 -42.20
N PHE B 184 12.58 3.21 -41.98
CA PHE B 184 11.81 4.23 -42.66
C PHE B 184 12.01 4.09 -44.17
N ASP B 185 13.21 3.70 -44.58
CA ASP B 185 13.55 3.51 -45.98
C ASP B 185 12.69 2.46 -46.71
N GLU B 186 12.35 1.37 -46.02
CA GLU B 186 11.51 0.33 -46.60
C GLU B 186 10.09 0.88 -46.77
N TYR B 187 9.60 1.54 -45.72
CA TYR B 187 8.28 2.14 -45.78
C TYR B 187 8.18 3.09 -46.96
N TRP B 188 9.25 3.88 -47.17
CA TRP B 188 9.25 4.85 -48.26
C TRP B 188 9.26 4.21 -49.62
N ALA B 189 10.10 3.19 -49.81
CA ALA B 189 10.18 2.50 -51.09
C ALA B 189 8.81 1.99 -51.52
N LEU B 190 8.05 1.44 -50.56
CA LEU B 190 6.73 0.92 -50.85
C LEU B 190 5.67 2.01 -51.04
N LEU B 191 5.86 3.15 -50.37
CA LEU B 191 4.92 4.25 -50.49
C LEU B 191 5.00 4.87 -51.89
N SER B 192 6.20 5.27 -52.29
CA SER B 192 6.38 5.85 -53.62
C SER B 192 5.80 4.91 -54.66
N ALA B 193 6.08 3.62 -54.50
CA ALA B 193 5.57 2.63 -55.42
C ALA B 193 4.04 2.64 -55.48
N GLN B 194 3.39 2.98 -54.38
CA GLN B 194 1.93 3.02 -54.35
C GLN B 194 1.40 4.26 -55.03
N ILE B 195 2.13 5.37 -54.92
CA ILE B 195 1.72 6.63 -55.54
C ILE B 195 2.45 6.88 -56.88
N LYS B 196 3.05 8.06 -57.05
CA LYS B 196 3.75 8.37 -58.30
C LYS B 196 2.88 8.26 -59.55
N ILE C 7 12.24 19.58 15.51
CA ILE C 7 11.88 20.96 15.06
C ILE C 7 10.75 21.48 15.95
N ASN C 8 10.43 22.77 15.85
CA ASN C 8 9.36 23.38 16.64
C ASN C 8 8.05 22.65 16.34
N ARG C 9 7.58 22.77 15.10
CA ARG C 9 6.34 22.14 14.68
C ARG C 9 6.46 20.63 14.60
N ARG C 10 7.65 20.13 14.32
CA ARG C 10 7.86 18.69 14.24
C ARG C 10 7.66 18.07 15.63
N GLU C 11 8.22 18.73 16.66
CA GLU C 11 8.11 18.28 18.04
C GLU C 11 6.68 18.47 18.56
N GLU C 12 5.98 19.44 17.98
CA GLU C 12 4.61 19.72 18.37
C GLU C 12 3.76 18.53 18.01
N ILE C 13 4.19 17.80 16.97
CA ILE C 13 3.48 16.62 16.53
C ILE C 13 3.67 15.53 17.60
N LEU C 14 4.91 15.10 17.78
CA LEU C 14 5.22 14.06 18.76
C LEU C 14 4.56 14.32 20.10
N GLN C 15 4.60 15.57 20.55
CA GLN C 15 4.00 15.92 21.82
C GLN C 15 2.50 15.73 21.74
N ALA C 16 1.89 16.22 20.66
CA ALA C 16 0.45 16.10 20.47
C ALA C 16 0.09 14.63 20.59
N LEU C 17 0.91 13.78 19.98
CA LEU C 17 0.71 12.33 20.02
C LEU C 17 0.77 11.81 21.47
N ALA C 18 1.89 12.04 22.14
CA ALA C 18 2.03 11.61 23.54
C ALA C 18 0.82 12.05 24.41
N GLU C 19 0.37 13.29 24.22
CA GLU C 19 -0.77 13.81 24.97
C GLU C 19 -2.01 12.97 24.67
N MET C 20 -2.26 12.70 23.40
CA MET C 20 -3.42 11.91 23.02
C MET C 20 -3.31 10.52 23.60
N LEU C 21 -2.11 9.95 23.58
CA LEU C 21 -1.91 8.62 24.14
C LEU C 21 -2.22 8.59 25.64
N GLU C 22 -2.15 9.74 26.28
CA GLU C 22 -2.43 9.82 27.71
C GLU C 22 -3.93 9.90 27.99
N SER C 23 -4.66 10.63 27.14
CA SER C 23 -6.11 10.77 27.30
C SER C 23 -6.80 9.42 27.12
N ASN C 24 -8.13 9.44 27.15
CA ASN C 24 -8.93 8.23 27.01
C ASN C 24 -8.93 7.75 25.56
N GLU C 25 -8.43 8.58 24.66
CA GLU C 25 -8.36 8.25 23.25
C GLU C 25 -7.22 7.27 23.03
N GLY C 26 -6.30 7.22 24.01
CA GLY C 26 -5.15 6.34 23.91
C GLY C 26 -5.56 4.87 23.88
N ALA C 27 -6.79 4.60 24.29
CA ALA C 27 -7.31 3.24 24.29
C ALA C 27 -7.87 2.89 22.92
N SER C 28 -8.13 3.91 22.10
CA SER C 28 -8.66 3.69 20.76
C SER C 28 -7.65 4.15 19.73
N ARG C 29 -7.92 3.85 18.47
CA ARG C 29 -7.03 4.25 17.39
C ARG C 29 -6.90 5.76 17.22
N ILE C 30 -5.67 6.24 17.06
CA ILE C 30 -5.43 7.66 16.88
C ILE C 30 -5.30 7.96 15.40
N THR C 31 -6.43 8.34 14.78
CA THR C 31 -6.46 8.64 13.35
C THR C 31 -5.67 9.91 13.05
N THR C 32 -5.21 10.04 11.82
CA THR C 32 -4.45 11.23 11.44
C THR C 32 -5.37 12.46 11.48
N ALA C 33 -6.66 12.25 11.29
CA ALA C 33 -7.62 13.36 11.34
C ALA C 33 -7.65 13.97 12.75
N LYS C 34 -7.78 13.10 13.75
CA LYS C 34 -7.83 13.49 15.15
C LYS C 34 -6.50 14.12 15.55
N LEU C 35 -5.42 13.44 15.23
CA LEU C 35 -4.09 13.96 15.56
C LEU C 35 -3.90 15.36 14.97
N ALA C 36 -4.27 15.52 13.70
CA ALA C 36 -4.15 16.81 13.01
C ALA C 36 -4.91 17.90 13.80
N LYS C 37 -6.13 17.59 14.20
CA LYS C 37 -6.94 18.52 14.97
C LYS C 37 -6.21 18.87 16.30
N GLN C 38 -5.72 17.85 16.98
CA GLN C 38 -5.03 18.05 18.25
C GLN C 38 -3.81 18.96 18.06
N VAL C 39 -3.24 18.97 16.87
CA VAL C 39 -2.07 19.82 16.64
C VAL C 39 -2.52 21.18 16.10
N GLY C 40 -3.78 21.25 15.71
CA GLY C 40 -4.29 22.51 15.18
C GLY C 40 -3.77 22.81 13.79
N VAL C 41 -3.61 21.77 12.98
CA VAL C 41 -3.14 21.92 11.61
C VAL C 41 -3.91 20.97 10.71
N SER C 42 -3.56 20.93 9.42
CA SER C 42 -4.22 20.05 8.46
C SER C 42 -3.44 18.75 8.37
N GLU C 43 -4.08 17.69 7.88
CA GLU C 43 -3.41 16.40 7.76
C GLU C 43 -2.18 16.51 6.87
N ALA C 44 -2.26 17.35 5.84
CA ALA C 44 -1.14 17.53 4.93
C ALA C 44 0.07 18.08 5.70
N ALA C 45 -0.16 19.08 6.56
CA ALA C 45 0.95 19.65 7.33
C ALA C 45 1.68 18.55 8.08
N LEU C 46 0.92 17.55 8.52
CA LEU C 46 1.51 16.42 9.25
C LEU C 46 2.56 15.72 8.42
N TYR C 47 2.17 15.31 7.21
CA TYR C 47 3.06 14.63 6.31
C TYR C 47 4.23 15.46 5.80
N ARG C 48 4.29 16.73 6.18
CA ARG C 48 5.40 17.59 5.78
C ARG C 48 6.58 17.39 6.73
N HIS C 49 6.31 16.87 7.92
CA HIS C 49 7.36 16.62 8.91
C HIS C 49 7.62 15.13 9.06
N PHE C 50 6.69 14.32 8.59
CA PHE C 50 6.79 12.86 8.68
C PHE C 50 6.22 12.17 7.45
N PRO C 51 6.97 11.22 6.86
CA PRO C 51 6.51 10.50 5.68
C PRO C 51 5.27 9.64 5.93
N SER C 52 5.18 9.07 7.12
CA SER C 52 4.07 8.19 7.44
C SER C 52 3.74 8.21 8.92
N LYS C 53 2.49 7.90 9.23
CA LYS C 53 2.01 7.86 10.61
C LYS C 53 2.95 7.02 11.46
N THR C 54 3.48 5.95 10.88
CA THR C 54 4.40 5.06 11.59
C THR C 54 5.67 5.75 12.07
N ARG C 55 6.28 6.55 11.20
CA ARG C 55 7.48 7.29 11.56
C ARG C 55 7.22 8.16 12.78
N MET C 56 6.00 8.71 12.86
CA MET C 56 5.62 9.55 13.98
C MET C 56 5.76 8.77 15.28
N PHE C 57 5.34 7.52 15.24
CA PHE C 57 5.44 6.66 16.41
C PHE C 57 6.90 6.30 16.66
N GLU C 58 7.62 5.97 15.59
CA GLU C 58 9.03 5.62 15.70
C GLU C 58 9.79 6.69 16.50
N GLY C 59 9.57 7.95 16.14
CA GLY C 59 10.22 9.04 16.84
C GLY C 59 9.99 8.98 18.36
N LEU C 60 8.76 8.67 18.77
CA LEU C 60 8.43 8.54 20.18
C LEU C 60 9.26 7.40 20.78
N ILE C 61 9.28 6.28 20.07
CA ILE C 61 10.06 5.13 20.53
C ILE C 61 11.55 5.53 20.63
N GLU C 62 11.99 6.40 19.71
CA GLU C 62 13.38 6.85 19.70
C GLU C 62 13.70 7.63 20.97
N PHE C 63 12.73 8.40 21.43
CA PHE C 63 12.88 9.18 22.66
C PHE C 63 12.97 8.22 23.85
N ILE C 64 12.14 7.18 23.84
CA ILE C 64 12.14 6.18 24.90
C ILE C 64 13.46 5.41 24.97
N GLU C 65 13.91 4.89 23.83
CA GLU C 65 15.18 4.17 23.77
C GLU C 65 16.34 5.03 24.27
N GLU C 66 16.43 6.27 23.77
CA GLU C 66 17.49 7.18 24.18
C GLU C 66 17.41 7.53 25.66
N SER C 67 16.25 8.03 26.10
CA SER C 67 16.05 8.41 27.49
C SER C 67 16.34 7.31 28.49
N LEU C 68 15.88 6.11 28.18
CA LEU C 68 16.08 4.96 29.06
C LEU C 68 17.52 4.47 29.05
N MET C 69 18.07 4.24 27.86
CA MET C 69 19.43 3.75 27.74
C MET C 69 20.43 4.81 28.22
N SER C 70 19.97 6.05 28.32
CA SER C 70 20.83 7.13 28.78
C SER C 70 21.07 6.99 30.27
N ARG C 71 19.97 6.94 31.01
CA ARG C 71 20.03 6.84 32.46
C ARG C 71 20.53 5.50 32.95
N ILE C 72 20.30 4.45 32.17
CA ILE C 72 20.76 3.13 32.56
C ILE C 72 22.29 3.09 32.51
N ASN C 73 22.87 3.81 31.55
CA ASN C 73 24.32 3.87 31.42
C ASN C 73 24.90 4.70 32.55
N ARG C 74 24.21 5.78 32.91
CA ARG C 74 24.68 6.63 33.98
C ARG C 74 24.76 5.84 35.28
N ILE C 75 23.78 4.99 35.52
CA ILE C 75 23.72 4.16 36.71
C ILE C 75 24.92 3.21 36.82
N PHE C 76 25.43 2.75 35.68
CA PHE C 76 26.56 1.83 35.71
C PHE C 76 27.88 2.52 36.03
N ASP C 77 28.08 3.72 35.49
CA ASP C 77 29.30 4.47 35.73
C ASP C 77 29.27 5.05 37.14
N GLU C 78 28.06 5.25 37.68
CA GLU C 78 27.93 5.80 39.02
C GLU C 78 27.81 4.75 40.10
N GLU C 79 26.80 3.89 40.02
CA GLU C 79 26.62 2.86 41.03
C GLU C 79 27.37 1.60 40.64
N LYS C 80 28.22 1.11 41.54
CA LYS C 80 29.03 -0.08 41.27
C LYS C 80 28.49 -1.33 41.97
N ASP C 81 27.77 -1.13 43.08
CA ASP C 81 27.21 -2.25 43.83
C ASP C 81 26.11 -2.92 43.01
N THR C 82 26.30 -4.22 42.76
CA THR C 82 25.37 -5.01 41.97
C THR C 82 23.94 -5.03 42.49
N LEU C 83 23.78 -5.05 43.81
CA LEU C 83 22.45 -5.08 44.39
C LEU C 83 21.69 -3.79 44.14
N ASN C 84 22.31 -2.66 44.42
CA ASN C 84 21.61 -1.40 44.21
C ASN C 84 21.43 -1.02 42.74
N ARG C 85 22.30 -1.50 41.86
CA ARG C 85 22.15 -1.18 40.44
C ARG C 85 20.87 -1.81 39.97
N ILE C 86 20.65 -3.06 40.36
CA ILE C 86 19.45 -3.76 39.98
C ILE C 86 18.24 -3.03 40.56
N ARG C 87 18.38 -2.40 41.70
CA ARG C 87 17.25 -1.70 42.31
C ARG C 87 16.89 -0.46 41.52
N LEU C 88 17.92 0.29 41.13
CA LEU C 88 17.75 1.53 40.36
C LEU C 88 17.28 1.29 38.94
N VAL C 89 17.65 0.16 38.36
CA VAL C 89 17.23 -0.15 37.00
C VAL C 89 15.73 -0.12 36.86
N MET C 90 15.06 -0.98 37.62
CA MET C 90 13.61 -1.07 37.57
C MET C 90 12.88 0.11 38.22
N GLN C 91 13.58 0.80 39.11
CA GLN C 91 13.00 1.95 39.78
C GLN C 91 12.98 3.10 38.74
N LEU C 92 13.83 2.96 37.73
CA LEU C 92 13.93 3.95 36.67
C LEU C 92 12.81 3.75 35.67
N LEU C 93 12.62 2.49 35.29
CA LEU C 93 11.55 2.12 34.35
C LEU C 93 10.19 2.49 34.91
N LEU C 94 10.00 2.28 36.21
CA LEU C 94 8.73 2.57 36.84
C LEU C 94 8.50 4.07 36.96
N ALA C 95 9.57 4.80 37.27
CA ALA C 95 9.49 6.25 37.39
C ALA C 95 9.34 6.88 36.01
N PHE C 96 10.04 6.33 35.01
CA PHE C 96 9.93 6.85 33.66
C PHE C 96 8.52 6.69 33.09
N ALA C 97 7.92 5.53 33.34
CA ALA C 97 6.56 5.25 32.89
C ALA C 97 5.56 6.15 33.62
N GLU C 98 5.78 6.36 34.91
CA GLU C 98 4.85 7.16 35.70
C GLU C 98 4.83 8.64 35.34
N ARG C 99 5.93 9.14 34.78
CA ARG C 99 5.98 10.53 34.39
C ARG C 99 5.63 10.68 32.90
N ASN C 100 5.54 9.54 32.22
CA ASN C 100 5.21 9.52 30.80
C ASN C 100 4.08 8.54 30.55
N PRO C 101 2.90 8.75 31.19
CA PRO C 101 1.74 7.87 31.03
C PRO C 101 1.45 7.44 29.59
N GLY C 102 1.39 8.39 28.68
CA GLY C 102 1.12 8.06 27.30
C GLY C 102 2.11 7.10 26.68
N LEU C 103 3.39 7.33 26.95
CA LEU C 103 4.43 6.49 26.37
C LEU C 103 4.37 5.09 26.94
N THR C 104 3.77 4.93 28.11
CA THR C 104 3.69 3.61 28.68
C THR C 104 2.86 2.71 27.78
N ARG C 105 1.80 3.27 27.20
CA ARG C 105 0.93 2.54 26.28
C ARG C 105 1.77 2.04 25.11
N ILE C 106 2.90 2.69 24.87
CA ILE C 106 3.78 2.25 23.78
C ILE C 106 4.67 1.14 24.37
N LEU C 107 5.12 1.39 25.59
CA LEU C 107 5.98 0.45 26.32
C LEU C 107 5.32 -0.90 26.57
N SER C 108 4.01 -0.89 26.85
CA SER C 108 3.27 -2.12 27.11
C SER C 108 2.85 -2.69 25.77
N GLY C 109 2.92 -1.86 24.75
CA GLY C 109 2.59 -2.30 23.41
C GLY C 109 1.15 -2.21 22.97
N HIS C 110 0.30 -1.56 23.76
CA HIS C 110 -1.11 -1.43 23.40
C HIS C 110 -1.33 -0.41 22.28
N ALA C 111 -0.65 0.72 22.34
CA ALA C 111 -0.80 1.76 21.32
C ALA C 111 -0.23 1.37 19.96
N LEU C 112 0.63 0.34 19.93
CA LEU C 112 1.25 -0.06 18.67
C LEU C 112 0.51 -1.18 17.94
N MET C 113 -0.78 -1.34 18.21
CA MET C 113 -1.55 -2.39 17.56
C MET C 113 -2.09 -1.95 16.21
N PHE C 114 -2.13 -0.63 15.98
CA PHE C 114 -2.64 -0.05 14.75
C PHE C 114 -1.51 0.32 13.78
N GLU C 115 -0.29 -0.12 14.09
CA GLU C 115 0.86 0.22 13.25
C GLU C 115 1.67 -1.01 12.86
N ASN C 116 2.65 -0.81 11.98
CA ASN C 116 3.51 -1.90 11.49
C ASN C 116 4.15 -2.72 12.60
N GLU C 117 4.11 -4.04 12.42
CA GLU C 117 4.68 -4.96 13.38
C GLU C 117 6.09 -4.50 13.78
N ARG C 118 6.88 -4.13 12.77
CA ARG C 118 8.26 -3.70 12.97
C ARG C 118 8.46 -2.83 14.21
N LEU C 119 7.45 -2.05 14.57
CA LEU C 119 7.53 -1.18 15.72
C LEU C 119 7.50 -1.94 17.04
N ARG C 120 6.60 -2.93 17.13
CA ARG C 120 6.50 -3.71 18.35
C ARG C 120 7.82 -4.44 18.56
N ASP C 121 8.46 -4.83 17.46
CA ASP C 121 9.75 -5.51 17.55
C ASP C 121 10.74 -4.59 18.23
N ARG C 122 10.68 -3.31 17.89
CA ARG C 122 11.57 -2.32 18.47
C ARG C 122 11.45 -2.28 19.99
N ILE C 123 10.23 -2.45 20.48
CA ILE C 123 9.99 -2.42 21.90
C ILE C 123 10.31 -3.76 22.53
N ASN C 124 10.13 -4.86 21.82
CA ASN C 124 10.48 -6.15 22.39
C ASN C 124 11.98 -6.17 22.65
N GLN C 125 12.74 -5.64 21.69
CA GLN C 125 14.19 -5.56 21.79
C GLN C 125 14.60 -4.70 23.00
N LEU C 126 13.90 -3.60 23.19
CA LEU C 126 14.19 -2.71 24.30
C LEU C 126 14.14 -3.48 25.61
N PHE C 127 13.14 -4.36 25.72
CA PHE C 127 12.99 -5.18 26.90
C PHE C 127 14.04 -6.28 26.98
N GLU C 128 14.38 -6.87 25.83
CA GLU C 128 15.38 -7.92 25.78
C GLU C 128 16.67 -7.38 26.37
N ARG C 129 17.05 -6.17 25.95
CA ARG C 129 18.27 -5.56 26.44
C ARG C 129 18.23 -5.32 27.93
N ILE C 130 17.12 -4.77 28.41
CA ILE C 130 16.97 -4.49 29.84
C ILE C 130 17.08 -5.78 30.67
N GLU C 131 16.51 -6.87 30.18
CA GLU C 131 16.58 -8.12 30.91
C GLU C 131 17.98 -8.71 30.79
N THR C 132 18.64 -8.45 29.67
CA THR C 132 19.99 -8.91 29.44
C THR C 132 20.94 -8.28 30.44
N SER C 133 20.71 -7.01 30.75
CA SER C 133 21.55 -6.31 31.71
C SER C 133 21.34 -6.90 33.10
N LEU C 134 20.07 -7.13 33.46
CA LEU C 134 19.75 -7.69 34.76
C LEU C 134 20.45 -9.04 34.91
N ARG C 135 20.48 -9.82 33.84
CA ARG C 135 21.14 -11.12 33.89
C ARG C 135 22.63 -10.93 34.19
N GLN C 136 23.21 -9.90 33.58
CA GLN C 136 24.62 -9.59 33.80
C GLN C 136 24.88 -9.26 35.27
N ILE C 137 24.18 -8.24 35.77
CA ILE C 137 24.35 -7.83 37.14
C ILE C 137 24.19 -8.98 38.13
N LEU C 138 23.25 -9.89 37.86
CA LEU C 138 23.02 -11.03 38.74
C LEU C 138 24.16 -12.04 38.70
N ARG C 139 24.69 -12.28 37.49
CA ARG C 139 25.79 -13.22 37.35
C ARG C 139 27.04 -12.70 38.03
N GLU C 140 27.23 -11.38 38.03
CA GLU C 140 28.40 -10.82 38.68
C GLU C 140 28.27 -10.91 40.18
N ARG C 141 27.09 -10.61 40.70
CA ARG C 141 26.91 -10.67 42.14
C ARG C 141 27.13 -12.08 42.64
N LYS C 142 26.79 -13.05 41.80
CA LYS C 142 26.96 -14.47 42.16
C LYS C 142 28.40 -14.94 42.07
N LEU C 143 29.09 -14.61 40.98
CA LEU C 143 30.46 -15.04 40.78
C LEU C 143 31.53 -14.23 41.54
N ARG C 144 31.26 -12.95 41.80
CA ARG C 144 32.22 -12.11 42.50
C ARG C 144 31.98 -11.98 44.00
N GLU C 145 30.71 -12.10 44.42
CA GLU C 145 30.39 -11.95 45.83
C GLU C 145 29.89 -13.24 46.44
N GLY C 146 30.04 -14.33 45.68
CA GLY C 146 29.61 -15.64 46.12
C GLY C 146 28.23 -15.74 46.76
N LYS C 147 27.25 -15.03 46.20
CA LYS C 147 25.90 -15.07 46.74
C LYS C 147 25.22 -16.25 46.06
N SER C 148 25.17 -17.40 46.74
CA SER C 148 24.54 -18.59 46.17
C SER C 148 23.01 -18.50 46.11
N PHE C 149 22.49 -18.09 44.95
CA PHE C 149 21.06 -17.94 44.73
C PHE C 149 20.40 -19.32 44.74
N PRO C 150 19.12 -19.39 45.13
CA PRO C 150 18.48 -20.70 45.14
C PRO C 150 17.93 -21.08 43.76
N VAL C 151 18.43 -20.43 42.72
CA VAL C 151 17.97 -20.70 41.35
C VAL C 151 18.81 -19.96 40.31
N ASP C 152 18.59 -20.27 39.04
CA ASP C 152 19.35 -19.65 37.95
C ASP C 152 19.05 -18.17 37.81
N GLU C 153 20.02 -17.42 37.30
CA GLU C 153 19.87 -15.99 37.11
C GLU C 153 18.71 -15.65 36.16
N ASN C 154 18.44 -16.54 35.20
CA ASN C 154 17.36 -16.33 34.23
C ASN C 154 16.02 -16.24 34.93
N ILE C 155 15.82 -17.10 35.93
CA ILE C 155 14.57 -17.13 36.67
C ILE C 155 14.40 -15.86 37.49
N LEU C 156 15.50 -15.36 38.05
CA LEU C 156 15.46 -14.16 38.86
C LEU C 156 15.25 -12.92 37.98
N ALA C 157 16.04 -12.80 36.93
CA ALA C 157 15.95 -11.66 36.02
C ALA C 157 14.58 -11.62 35.34
N ALA C 158 13.98 -12.79 35.19
CA ALA C 158 12.66 -12.91 34.56
C ALA C 158 11.56 -12.39 35.49
N GLN C 159 11.71 -12.65 36.79
CA GLN C 159 10.75 -12.20 37.79
C GLN C 159 10.85 -10.70 38.05
N LEU C 160 12.07 -10.18 37.96
CA LEU C 160 12.31 -8.76 38.18
C LEU C 160 11.67 -7.98 37.03
N LEU C 161 11.78 -8.52 35.83
CA LEU C 161 11.18 -7.87 34.67
C LEU C 161 9.67 -8.04 34.68
N GLY C 162 9.19 -9.14 35.28
CA GLY C 162 7.77 -9.42 35.36
C GLY C 162 7.04 -8.39 36.20
N GLN C 163 7.61 -8.04 37.35
CA GLN C 163 7.03 -7.03 38.22
C GLN C 163 6.95 -5.73 37.48
N VAL C 164 8.02 -5.36 36.79
CA VAL C 164 8.00 -4.10 36.05
C VAL C 164 6.89 -4.07 35.01
N GLU C 165 6.86 -5.05 34.12
CA GLU C 165 5.83 -5.10 33.10
C GLU C 165 4.47 -5.23 33.77
N GLY C 166 4.42 -5.99 34.87
CA GLY C 166 3.16 -6.16 35.58
C GLY C 166 2.61 -4.82 36.04
N SER C 167 3.52 -3.92 36.39
CA SER C 167 3.16 -2.60 36.86
C SER C 167 2.86 -1.64 35.69
N LEU C 168 3.51 -1.84 34.57
CA LEU C 168 3.24 -0.98 33.43
C LEU C 168 1.81 -1.27 32.98
N ASN C 169 1.53 -2.53 32.65
CA ASN C 169 0.19 -2.92 32.23
C ASN C 169 -0.92 -2.53 33.21
N ARG C 170 -0.71 -2.69 34.50
CA ARG C 170 -1.77 -2.34 35.45
C ARG C 170 -1.96 -0.82 35.51
N PHE C 171 -0.89 -0.08 35.20
CA PHE C 171 -0.91 1.36 35.19
C PHE C 171 -1.89 1.72 34.07
N VAL C 172 -1.77 1.01 32.96
CA VAL C 172 -2.63 1.22 31.80
C VAL C 172 -4.07 0.77 32.07
N ARG C 173 -4.24 -0.45 32.57
CA ARG C 173 -5.58 -0.98 32.87
C ARG C 173 -6.42 0.07 33.59
N SER C 174 -5.93 0.52 34.74
CA SER C 174 -6.63 1.48 35.60
C SER C 174 -6.67 2.90 35.10
N ASP C 175 -6.43 3.10 33.82
CA ASP C 175 -6.41 4.45 33.29
C ASP C 175 -5.43 5.34 34.05
N PHE C 176 -4.27 4.80 34.38
CA PHE C 176 -3.21 5.57 35.06
C PHE C 176 -3.50 5.94 36.51
N LYS C 177 -4.44 5.22 37.11
CA LYS C 177 -4.83 5.47 38.48
C LYS C 177 -3.90 4.70 39.44
N TYR C 178 -3.45 3.52 39.03
CA TYR C 178 -2.58 2.71 39.87
C TYR C 178 -1.10 2.92 39.55
N LEU C 179 -0.45 3.80 40.31
CA LEU C 179 0.96 4.15 40.11
C LEU C 179 1.96 2.99 40.10
N PRO C 180 2.73 2.85 39.00
CA PRO C 180 3.72 1.78 38.87
C PRO C 180 4.75 1.73 40.00
N THR C 181 5.08 2.89 40.57
CA THR C 181 6.04 2.95 41.67
C THR C 181 5.41 2.64 43.04
N ALA C 182 4.09 2.45 43.08
CA ALA C 182 3.45 2.17 44.34
C ALA C 182 3.84 0.82 44.93
N ASN C 183 4.19 0.84 46.20
CA ASN C 183 4.60 -0.34 46.95
C ASN C 183 5.93 -0.90 46.51
N PHE C 184 6.63 -0.17 45.66
CA PHE C 184 7.93 -0.63 45.18
C PHE C 184 8.86 -1.08 46.30
N ASP C 185 8.98 -0.23 47.33
CA ASP C 185 9.84 -0.53 48.46
C ASP C 185 9.50 -1.88 49.09
N GLU C 186 8.21 -2.14 49.29
CA GLU C 186 7.79 -3.41 49.86
C GLU C 186 8.11 -4.56 48.91
N TYR C 187 7.87 -4.34 47.62
CA TYR C 187 8.14 -5.35 46.60
C TYR C 187 9.62 -5.70 46.61
N TRP C 188 10.46 -4.67 46.70
CA TRP C 188 11.91 -4.85 46.70
C TRP C 188 12.40 -5.64 47.92
N ALA C 189 11.74 -5.46 49.06
CA ALA C 189 12.12 -6.15 50.29
C ALA C 189 11.84 -7.65 50.23
N LEU C 190 11.13 -8.09 49.20
CA LEU C 190 10.82 -9.50 49.06
C LEU C 190 11.58 -10.09 47.88
N LEU C 191 11.96 -9.23 46.93
CA LEU C 191 12.69 -9.65 45.75
C LEU C 191 14.19 -9.68 45.99
N SER C 192 14.68 -8.80 46.86
CA SER C 192 16.10 -8.71 47.18
C SER C 192 16.54 -9.69 48.26
N ALA C 193 15.63 -10.05 49.14
CA ALA C 193 15.96 -10.97 50.22
C ALA C 193 16.60 -12.25 49.71
N GLN C 194 16.24 -12.68 48.51
CA GLN C 194 16.81 -13.92 48.00
C GLN C 194 18.10 -13.74 47.20
N ILE C 195 18.61 -12.51 47.18
CA ILE C 195 19.84 -12.22 46.46
C ILE C 195 20.80 -11.32 47.23
N LYS C 196 20.38 -10.87 48.41
CA LYS C 196 21.20 -10.01 49.25
C LYS C 196 22.58 -10.66 49.49
N ASN D 8 -25.34 -24.44 20.40
CA ASN D 8 -23.92 -24.80 20.08
C ASN D 8 -23.38 -23.83 19.02
N ARG D 9 -24.29 -23.27 18.21
CA ARG D 9 -23.91 -22.33 17.16
C ARG D 9 -23.22 -21.13 17.79
N ARG D 10 -23.85 -20.59 18.82
CA ARG D 10 -23.32 -19.45 19.53
C ARG D 10 -21.88 -19.71 20.00
N GLU D 11 -21.56 -20.98 20.23
CA GLU D 11 -20.22 -21.36 20.69
C GLU D 11 -19.25 -21.49 19.52
N GLU D 12 -19.78 -21.90 18.37
CA GLU D 12 -18.94 -22.07 17.17
C GLU D 12 -18.30 -20.75 16.83
N ILE D 13 -19.04 -19.68 17.07
CA ILE D 13 -18.57 -18.33 16.83
C ILE D 13 -17.45 -17.99 17.81
N LEU D 14 -17.73 -18.09 19.11
CA LEU D 14 -16.75 -17.78 20.13
C LEU D 14 -15.48 -18.63 20.02
N GLN D 15 -15.64 -19.88 19.58
CA GLN D 15 -14.52 -20.80 19.42
C GLN D 15 -13.66 -20.41 18.22
N ALA D 16 -14.30 -19.98 17.15
CA ALA D 16 -13.57 -19.56 15.96
C ALA D 16 -12.87 -18.24 16.27
N LEU D 17 -13.58 -17.34 16.95
CA LEU D 17 -13.02 -16.05 17.33
C LEU D 17 -11.78 -16.25 18.19
N ALA D 18 -11.80 -17.31 18.97
CA ALA D 18 -10.68 -17.67 19.84
C ALA D 18 -9.55 -18.23 18.98
N GLU D 19 -9.90 -19.00 17.96
CA GLU D 19 -8.88 -19.58 17.10
C GLU D 19 -8.19 -18.52 16.26
N MET D 20 -8.93 -17.47 15.94
CA MET D 20 -8.39 -16.37 15.14
C MET D 20 -7.33 -15.63 15.97
N LEU D 21 -7.68 -15.26 17.19
CA LEU D 21 -6.78 -14.56 18.09
C LEU D 21 -5.50 -15.34 18.38
N GLU D 22 -5.57 -16.67 18.25
CA GLU D 22 -4.43 -17.53 18.51
C GLU D 22 -3.45 -17.49 17.35
N SER D 23 -3.96 -17.60 16.12
CA SER D 23 -3.12 -17.55 14.93
C SER D 23 -2.33 -16.24 14.87
N ASN D 24 -1.47 -16.10 13.87
CA ASN D 24 -0.68 -14.88 13.72
C ASN D 24 -1.59 -13.71 13.34
N GLU D 25 -2.82 -14.03 12.92
CA GLU D 25 -3.80 -13.01 12.55
C GLU D 25 -4.32 -12.30 13.79
N GLY D 26 -4.25 -12.99 14.92
CA GLY D 26 -4.72 -12.42 16.17
C GLY D 26 -4.04 -11.13 16.58
N ALA D 27 -2.91 -10.83 15.96
CA ALA D 27 -2.17 -9.61 16.27
C ALA D 27 -2.85 -8.42 15.60
N SER D 28 -3.65 -8.70 14.57
CA SER D 28 -4.36 -7.63 13.86
C SER D 28 -5.85 -7.69 14.15
N ARG D 29 -6.59 -6.71 13.64
CA ARG D 29 -8.03 -6.63 13.84
C ARG D 29 -8.75 -7.83 13.21
N ILE D 30 -9.55 -8.55 13.99
CA ILE D 30 -10.30 -9.69 13.46
C ILE D 30 -11.63 -9.16 12.91
N THR D 31 -11.68 -8.96 11.59
CA THR D 31 -12.87 -8.44 10.91
C THR D 31 -14.04 -9.44 10.93
N THR D 32 -15.25 -8.92 10.98
CA THR D 32 -16.45 -9.76 11.02
C THR D 32 -16.54 -10.64 9.77
N ALA D 33 -15.92 -10.19 8.69
CA ALA D 33 -15.93 -10.95 7.43
C ALA D 33 -14.98 -12.15 7.51
N LYS D 34 -13.80 -11.93 8.08
CA LYS D 34 -12.83 -13.02 8.23
C LYS D 34 -13.37 -14.02 9.26
N LEU D 35 -13.95 -13.52 10.34
CA LEU D 35 -14.53 -14.38 11.37
C LEU D 35 -15.63 -15.22 10.72
N ALA D 36 -16.34 -14.61 9.79
CA ALA D 36 -17.42 -15.28 9.07
C ALA D 36 -16.89 -16.44 8.23
N LYS D 37 -15.67 -16.29 7.71
CA LYS D 37 -15.08 -17.35 6.89
C LYS D 37 -14.66 -18.58 7.71
N GLN D 38 -14.38 -18.37 8.99
CA GLN D 38 -13.98 -19.49 9.85
C GLN D 38 -15.18 -20.29 10.30
N VAL D 39 -16.28 -19.59 10.56
CA VAL D 39 -17.52 -20.22 10.99
C VAL D 39 -18.18 -20.88 9.79
N GLY D 40 -17.83 -20.41 8.59
CA GLY D 40 -18.40 -20.98 7.38
C GLY D 40 -19.82 -20.52 7.14
N VAL D 41 -20.13 -19.31 7.59
CA VAL D 41 -21.47 -18.75 7.42
C VAL D 41 -21.38 -17.30 6.94
N SER D 42 -22.53 -16.68 6.73
CA SER D 42 -22.58 -15.28 6.26
C SER D 42 -22.38 -14.34 7.45
N GLU D 43 -22.10 -13.08 7.17
CA GLU D 43 -21.89 -12.11 8.23
C GLU D 43 -23.15 -11.98 9.08
N ALA D 44 -24.29 -11.78 8.44
CA ALA D 44 -25.53 -11.63 9.18
C ALA D 44 -25.86 -12.90 9.98
N ALA D 45 -25.21 -14.01 9.66
CA ALA D 45 -25.42 -15.25 10.39
C ALA D 45 -24.81 -15.19 11.79
N LEU D 46 -23.90 -14.24 11.99
CA LEU D 46 -23.25 -14.08 13.28
C LEU D 46 -24.07 -13.13 14.12
N TYR D 47 -24.64 -12.13 13.46
CA TYR D 47 -25.45 -11.11 14.13
C TYR D 47 -26.84 -11.57 14.55
N ARG D 48 -27.02 -12.89 14.64
CA ARG D 48 -28.29 -13.44 15.05
C ARG D 48 -28.09 -14.11 16.42
N HIS D 49 -26.83 -14.19 16.84
CA HIS D 49 -26.48 -14.76 18.14
C HIS D 49 -25.83 -13.68 18.97
N PHE D 50 -25.28 -12.69 18.28
CA PHE D 50 -24.61 -11.58 18.95
C PHE D 50 -25.07 -10.25 18.38
N PRO D 51 -25.64 -9.39 19.24
CA PRO D 51 -26.12 -8.07 18.81
C PRO D 51 -25.01 -7.29 18.15
N SER D 52 -23.81 -7.37 18.75
CA SER D 52 -22.64 -6.68 18.24
C SER D 52 -21.36 -7.49 18.33
N LYS D 53 -20.27 -6.91 17.84
CA LYS D 53 -18.98 -7.55 17.86
C LYS D 53 -18.49 -7.58 19.31
N THR D 54 -18.74 -6.48 20.02
CA THR D 54 -18.32 -6.38 21.41
C THR D 54 -18.95 -7.46 22.30
N ARG D 55 -20.17 -7.89 22.01
CA ARG D 55 -20.80 -8.92 22.81
C ARG D 55 -20.07 -10.23 22.62
N MET D 56 -19.44 -10.38 21.45
CA MET D 56 -18.67 -11.58 21.15
C MET D 56 -17.47 -11.65 22.07
N PHE D 57 -16.84 -10.49 22.31
CA PHE D 57 -15.69 -10.48 23.20
C PHE D 57 -16.17 -10.63 24.64
N GLU D 58 -17.22 -9.90 24.98
CA GLU D 58 -17.79 -9.98 26.32
C GLU D 58 -18.08 -11.43 26.69
N GLY D 59 -18.42 -12.24 25.70
CA GLY D 59 -18.68 -13.64 25.95
C GLY D 59 -17.39 -14.41 26.15
N LEU D 60 -16.33 -14.02 25.44
CA LEU D 60 -15.05 -14.68 25.61
C LEU D 60 -14.54 -14.36 27.00
N ILE D 61 -14.62 -13.09 27.38
CA ILE D 61 -14.16 -12.67 28.70
C ILE D 61 -14.85 -13.47 29.80
N GLU D 62 -16.17 -13.59 29.70
CA GLU D 62 -16.96 -14.33 30.67
C GLU D 62 -16.42 -15.74 30.80
N PHE D 63 -16.09 -16.35 29.66
CA PHE D 63 -15.54 -17.70 29.62
C PHE D 63 -14.26 -17.80 30.41
N ILE D 64 -13.34 -16.88 30.12
CA ILE D 64 -12.04 -16.85 30.79
C ILE D 64 -12.27 -16.74 32.29
N GLU D 65 -13.11 -15.80 32.69
CA GLU D 65 -13.41 -15.61 34.10
C GLU D 65 -13.99 -16.89 34.71
N GLU D 66 -14.93 -17.49 34.00
CA GLU D 66 -15.58 -18.71 34.47
C GLU D 66 -14.50 -19.76 34.78
N SER D 67 -13.65 -20.07 33.79
CA SER D 67 -12.58 -21.06 33.99
C SER D 67 -11.69 -20.77 35.20
N LEU D 68 -11.08 -19.57 35.20
CA LEU D 68 -10.18 -19.16 36.28
C LEU D 68 -10.79 -19.15 37.68
N MET D 69 -11.91 -18.44 37.87
CA MET D 69 -12.53 -18.36 39.20
C MET D 69 -13.03 -19.70 39.70
N SER D 70 -13.62 -20.49 38.80
CA SER D 70 -14.11 -21.81 39.17
C SER D 70 -12.96 -22.64 39.72
N ARG D 71 -11.87 -22.72 38.95
CA ARG D 71 -10.69 -23.47 39.34
C ARG D 71 -10.05 -22.90 40.59
N ILE D 72 -10.14 -21.58 40.77
CA ILE D 72 -9.58 -20.94 41.96
C ILE D 72 -10.30 -21.54 43.18
N ASN D 73 -11.63 -21.59 43.09
CA ASN D 73 -12.46 -22.11 44.18
C ASN D 73 -12.23 -23.58 44.43
N ARG D 74 -12.05 -24.35 43.37
CA ARG D 74 -11.83 -25.76 43.50
C ARG D 74 -10.59 -25.95 44.35
N ILE D 75 -9.58 -25.11 44.13
CA ILE D 75 -8.35 -25.20 44.91
C ILE D 75 -8.56 -24.93 46.39
N PHE D 76 -9.44 -23.99 46.70
CA PHE D 76 -9.76 -23.61 48.09
C PHE D 76 -10.35 -24.79 48.85
N ASP D 77 -11.04 -25.67 48.13
CA ASP D 77 -11.65 -26.84 48.74
C ASP D 77 -10.72 -28.04 48.73
N GLU D 78 -10.04 -28.26 47.61
CA GLU D 78 -9.12 -29.37 47.46
C GLU D 78 -7.91 -29.23 48.37
N GLU D 79 -7.22 -28.09 48.26
CA GLU D 79 -6.02 -27.84 49.06
C GLU D 79 -6.24 -26.93 50.26
N LYS D 80 -5.67 -27.28 51.41
CA LYS D 80 -5.84 -26.47 52.63
C LYS D 80 -4.55 -25.87 53.14
N ASP D 81 -3.45 -26.19 52.45
CA ASP D 81 -2.15 -25.65 52.82
C ASP D 81 -1.96 -24.34 52.06
N THR D 82 -1.70 -23.27 52.80
CA THR D 82 -1.50 -21.92 52.25
C THR D 82 -0.53 -21.84 51.06
N LEU D 83 0.73 -22.17 51.28
CA LEU D 83 1.74 -22.11 50.23
C LEU D 83 1.30 -22.93 49.02
N ASN D 84 0.70 -24.09 49.27
CA ASN D 84 0.24 -24.91 48.15
C ASN D 84 -0.86 -24.23 47.38
N ARG D 85 -1.68 -23.48 48.10
CA ARG D 85 -2.78 -22.76 47.50
C ARG D 85 -2.23 -21.70 46.55
N ILE D 86 -1.25 -20.92 47.01
CA ILE D 86 -0.67 -19.91 46.13
C ILE D 86 0.01 -20.53 44.92
N ARG D 87 0.67 -21.65 45.14
CA ARG D 87 1.37 -22.35 44.07
C ARG D 87 0.39 -22.76 42.98
N LEU D 88 -0.69 -23.42 43.39
CA LEU D 88 -1.70 -23.89 42.47
C LEU D 88 -2.36 -22.76 41.69
N VAL D 89 -2.63 -21.65 42.35
CA VAL D 89 -3.25 -20.52 41.69
C VAL D 89 -2.30 -19.88 40.68
N MET D 90 -1.05 -19.68 41.11
CA MET D 90 -0.04 -19.11 40.20
C MET D 90 0.09 -20.00 38.96
N GLN D 91 0.17 -21.31 39.18
CA GLN D 91 0.31 -22.28 38.09
C GLN D 91 -0.92 -22.28 37.16
N LEU D 92 -2.10 -22.24 37.76
CA LEU D 92 -3.35 -22.22 37.00
C LEU D 92 -3.36 -21.02 36.05
N LEU D 93 -3.09 -19.84 36.59
CA LEU D 93 -3.07 -18.62 35.80
C LEU D 93 -2.10 -18.66 34.60
N LEU D 94 -0.88 -19.14 34.83
CA LEU D 94 0.12 -19.17 33.75
C LEU D 94 -0.18 -20.31 32.77
N ALA D 95 -0.61 -21.46 33.31
CA ALA D 95 -0.93 -22.61 32.47
C ALA D 95 -2.17 -22.33 31.61
N PHE D 96 -3.14 -21.62 32.16
CA PHE D 96 -4.33 -21.29 31.38
C PHE D 96 -3.93 -20.39 30.23
N ALA D 97 -3.07 -19.42 30.52
CA ALA D 97 -2.60 -18.51 29.50
C ALA D 97 -1.84 -19.26 28.41
N GLU D 98 -1.12 -20.29 28.79
CA GLU D 98 -0.35 -21.03 27.80
C GLU D 98 -1.19 -21.94 26.90
N ARG D 99 -2.30 -22.43 27.43
CA ARG D 99 -3.17 -23.31 26.66
C ARG D 99 -4.12 -22.52 25.77
N ASN D 100 -4.23 -21.21 26.03
CA ASN D 100 -5.14 -20.38 25.27
C ASN D 100 -4.54 -19.04 24.85
N PRO D 101 -3.42 -19.09 24.13
CA PRO D 101 -2.73 -17.90 23.65
C PRO D 101 -3.66 -16.83 23.11
N GLY D 102 -4.68 -17.24 22.37
CA GLY D 102 -5.62 -16.29 21.80
C GLY D 102 -6.43 -15.56 22.85
N LEU D 103 -6.86 -16.29 23.88
CA LEU D 103 -7.64 -15.69 24.96
C LEU D 103 -6.72 -14.80 25.78
N THR D 104 -5.43 -15.14 25.77
CA THR D 104 -4.46 -14.37 26.54
C THR D 104 -4.34 -12.97 25.97
N ARG D 105 -4.50 -12.86 24.65
CA ARG D 105 -4.42 -11.56 23.99
C ARG D 105 -5.56 -10.64 24.47
N ILE D 106 -6.58 -11.23 25.09
CA ILE D 106 -7.71 -10.49 25.65
C ILE D 106 -7.40 -10.14 27.12
N LEU D 107 -6.70 -11.02 27.83
CA LEU D 107 -6.33 -10.80 29.23
C LEU D 107 -5.31 -9.68 29.35
N SER D 108 -4.36 -9.63 28.41
CA SER D 108 -3.33 -8.62 28.41
C SER D 108 -3.87 -7.32 27.85
N GLY D 109 -5.06 -7.39 27.26
CA GLY D 109 -5.68 -6.19 26.72
C GLY D 109 -5.28 -5.70 25.34
N HIS D 110 -4.48 -6.47 24.61
CA HIS D 110 -4.05 -6.08 23.27
C HIS D 110 -5.09 -6.30 22.18
N ALA D 111 -5.84 -7.39 22.31
CA ALA D 111 -6.88 -7.74 21.34
C ALA D 111 -8.10 -6.85 21.53
N LEU D 112 -8.26 -6.28 22.73
CA LEU D 112 -9.37 -5.41 23.01
C LEU D 112 -9.14 -4.02 22.40
N MET D 113 -7.89 -3.73 22.02
CA MET D 113 -7.58 -2.43 21.41
C MET D 113 -8.48 -2.06 20.23
N PHE D 114 -8.89 -3.07 19.47
CA PHE D 114 -9.74 -2.87 18.29
C PHE D 114 -11.24 -2.87 18.63
N GLU D 115 -11.57 -3.14 19.88
CA GLU D 115 -12.97 -3.20 20.28
C GLU D 115 -13.41 -2.15 21.30
N ASN D 116 -14.72 -2.10 21.54
CA ASN D 116 -15.35 -1.19 22.48
C ASN D 116 -14.51 -0.98 23.73
N GLU D 117 -14.01 0.22 23.93
CA GLU D 117 -13.17 0.54 25.07
C GLU D 117 -13.78 0.31 26.46
N ARG D 118 -15.03 -0.13 26.51
CA ARG D 118 -15.70 -0.39 27.79
C ARG D 118 -15.47 -1.83 28.24
N LEU D 119 -15.02 -2.67 27.31
CA LEU D 119 -14.75 -4.06 27.62
C LEU D 119 -13.64 -4.15 28.66
N ARG D 120 -12.84 -3.09 28.76
CA ARG D 120 -11.75 -3.08 29.72
C ARG D 120 -12.27 -3.15 31.16
N ASP D 121 -13.50 -2.72 31.38
CA ASP D 121 -14.07 -2.78 32.72
C ASP D 121 -14.26 -4.22 33.16
N ARG D 122 -14.65 -5.10 32.24
CA ARG D 122 -14.83 -6.51 32.55
C ARG D 122 -13.48 -7.12 32.89
N ILE D 123 -12.44 -6.71 32.15
CA ILE D 123 -11.10 -7.20 32.39
C ILE D 123 -10.65 -6.75 33.79
N ASN D 124 -10.88 -5.50 34.15
CA ASN D 124 -10.46 -5.02 35.46
C ASN D 124 -11.23 -5.69 36.61
N GLN D 125 -12.48 -6.09 36.34
CA GLN D 125 -13.31 -6.77 37.33
C GLN D 125 -12.84 -8.23 37.53
N LEU D 126 -12.35 -8.83 36.45
CA LEU D 126 -11.84 -10.19 36.51
C LEU D 126 -10.59 -10.14 37.37
N PHE D 127 -9.66 -9.24 37.04
CA PHE D 127 -8.43 -9.13 37.82
C PHE D 127 -8.68 -8.85 39.29
N GLU D 128 -9.65 -7.98 39.57
CA GLU D 128 -10.01 -7.67 40.96
C GLU D 128 -10.50 -8.97 41.66
N ARG D 129 -11.15 -9.86 40.94
CA ARG D 129 -11.60 -11.10 41.56
C ARG D 129 -10.41 -11.99 41.87
N ILE D 130 -9.45 -12.08 40.94
CA ILE D 130 -8.27 -12.90 41.15
C ILE D 130 -7.52 -12.33 42.37
N GLU D 131 -7.24 -11.03 42.32
CA GLU D 131 -6.50 -10.40 43.40
C GLU D 131 -7.16 -10.66 44.76
N THR D 132 -8.46 -10.32 44.87
CA THR D 132 -9.20 -10.56 46.11
C THR D 132 -9.04 -12.01 46.55
N SER D 133 -9.15 -12.93 45.61
CA SER D 133 -8.99 -14.37 45.91
C SER D 133 -7.59 -14.63 46.46
N LEU D 134 -6.58 -14.06 45.81
CA LEU D 134 -5.20 -14.24 46.24
C LEU D 134 -5.05 -13.72 47.68
N ARG D 135 -5.54 -12.50 47.89
CA ARG D 135 -5.50 -11.87 49.20
C ARG D 135 -6.14 -12.74 50.27
N GLN D 136 -7.26 -13.40 49.92
CA GLN D 136 -7.99 -14.27 50.86
C GLN D 136 -7.13 -15.43 51.38
N ILE D 137 -6.47 -16.11 50.46
CA ILE D 137 -5.59 -17.22 50.77
C ILE D 137 -4.51 -16.78 51.78
N LEU D 138 -3.83 -15.67 51.47
CA LEU D 138 -2.77 -15.16 52.33
C LEU D 138 -3.22 -14.79 53.73
N ARG D 139 -4.44 -14.28 53.83
CA ARG D 139 -5.00 -13.89 55.13
C ARG D 139 -5.20 -15.08 56.06
N GLU D 140 -5.50 -16.25 55.50
CA GLU D 140 -5.75 -17.45 56.31
C GLU D 140 -4.52 -18.19 56.85
N ARG D 141 -3.34 -17.60 56.70
CA ARG D 141 -2.12 -18.23 57.16
C ARG D 141 -1.96 -18.22 58.69
N LYS D 142 -1.96 -17.02 59.27
CA LYS D 142 -1.81 -16.89 60.72
C LYS D 142 -2.80 -17.80 61.45
N LEU D 143 -3.97 -18.01 60.85
CA LEU D 143 -4.99 -18.86 61.45
C LEU D 143 -4.69 -20.35 61.30
N ARG D 144 -4.21 -20.74 60.13
CA ARG D 144 -3.91 -22.14 59.84
C ARG D 144 -2.51 -22.58 60.28
N GLU D 145 -1.56 -21.65 60.31
CA GLU D 145 -0.19 -21.95 60.69
C GLU D 145 0.33 -21.19 61.90
N GLY D 146 -0.35 -20.12 62.28
CA GLY D 146 0.10 -19.31 63.40
C GLY D 146 0.93 -18.14 62.88
N LYS D 147 1.74 -18.39 61.85
CA LYS D 147 2.60 -17.36 61.25
C LYS D 147 1.86 -16.57 60.19
N SER D 148 2.45 -15.47 59.74
CA SER D 148 1.84 -14.64 58.69
C SER D 148 2.91 -14.45 57.63
N PHE D 149 2.97 -13.27 57.05
CA PHE D 149 3.98 -12.98 56.03
C PHE D 149 4.70 -11.69 56.42
N PRO D 150 5.92 -11.50 55.91
CA PRO D 150 6.67 -10.29 56.23
C PRO D 150 5.92 -9.05 55.82
N VAL D 151 5.44 -9.06 54.58
CA VAL D 151 4.69 -7.93 54.05
C VAL D 151 3.20 -8.14 54.27
N ASP D 152 2.45 -7.05 54.26
CA ASP D 152 1.01 -7.11 54.44
C ASP D 152 0.37 -7.95 53.33
N GLU D 153 -0.73 -8.62 53.65
CA GLU D 153 -1.42 -9.45 52.68
C GLU D 153 -1.79 -8.70 51.38
N ASN D 154 -2.33 -7.49 51.51
CA ASN D 154 -2.73 -6.72 50.34
C ASN D 154 -1.59 -6.43 49.41
N ILE D 155 -0.45 -6.05 49.98
CA ILE D 155 0.71 -5.74 49.16
C ILE D 155 1.12 -6.98 48.38
N LEU D 156 1.33 -8.08 49.11
CA LEU D 156 1.72 -9.34 48.49
C LEU D 156 0.71 -9.82 47.41
N ALA D 157 -0.58 -9.74 47.70
CA ALA D 157 -1.59 -10.15 46.72
C ALA D 157 -1.33 -9.39 45.42
N ALA D 158 -1.16 -8.08 45.53
CA ALA D 158 -0.90 -7.25 44.35
C ALA D 158 0.43 -7.64 43.71
N GLN D 159 1.46 -7.89 44.51
CA GLN D 159 2.76 -8.29 43.99
C GLN D 159 2.62 -9.61 43.20
N LEU D 160 1.96 -10.60 43.79
CA LEU D 160 1.78 -11.86 43.07
C LEU D 160 1.03 -11.67 41.74
N LEU D 161 -0.05 -10.88 41.76
CA LEU D 161 -0.86 -10.61 40.57
C LEU D 161 -0.03 -9.86 39.52
N GLY D 162 0.77 -8.90 39.97
CA GLY D 162 1.63 -8.17 39.04
C GLY D 162 2.54 -9.12 38.28
N GLN D 163 3.27 -9.99 38.98
CA GLN D 163 4.18 -10.94 38.31
C GLN D 163 3.49 -11.78 37.25
N VAL D 164 2.21 -12.10 37.48
CA VAL D 164 1.43 -12.88 36.53
C VAL D 164 1.10 -12.03 35.30
N GLU D 165 0.66 -10.79 35.52
CA GLU D 165 0.35 -9.93 34.38
C GLU D 165 1.60 -9.73 33.54
N GLY D 166 2.70 -9.44 34.22
CA GLY D 166 3.95 -9.22 33.54
C GLY D 166 4.33 -10.43 32.73
N SER D 167 4.22 -11.60 33.36
CA SER D 167 4.55 -12.86 32.73
C SER D 167 3.68 -13.08 31.45
N LEU D 168 2.41 -12.67 31.48
CA LEU D 168 1.51 -12.84 30.33
C LEU D 168 1.78 -11.80 29.24
N ASN D 169 2.15 -10.60 29.65
CA ASN D 169 2.46 -9.56 28.70
C ASN D 169 3.66 -9.99 27.84
N ARG D 170 4.63 -10.67 28.46
CA ARG D 170 5.82 -11.15 27.74
C ARG D 170 5.41 -12.22 26.75
N PHE D 171 4.57 -13.14 27.22
CA PHE D 171 4.02 -14.21 26.40
C PHE D 171 3.45 -13.62 25.10
N VAL D 172 2.47 -12.72 25.22
CA VAL D 172 1.86 -12.08 24.05
C VAL D 172 2.87 -11.22 23.27
N ARG D 173 3.74 -10.50 23.99
CA ARG D 173 4.75 -9.65 23.34
C ARG D 173 5.62 -10.47 22.40
N SER D 174 6.23 -11.53 22.94
CA SER D 174 7.12 -12.37 22.15
C SER D 174 6.44 -13.21 21.08
N ASP D 175 5.19 -12.89 20.77
CA ASP D 175 4.45 -13.64 19.76
C ASP D 175 4.27 -15.08 20.23
N PHE D 176 4.11 -15.25 21.54
CA PHE D 176 3.88 -16.55 22.16
C PHE D 176 5.09 -17.45 22.18
N LYS D 177 6.27 -16.87 21.99
CA LYS D 177 7.52 -17.63 21.98
C LYS D 177 7.94 -17.92 23.42
N TYR D 178 7.70 -16.95 24.30
CA TYR D 178 8.05 -17.10 25.72
C TYR D 178 6.92 -17.78 26.49
N LEU D 179 7.11 -19.06 26.81
CA LEU D 179 6.09 -19.83 27.52
C LEU D 179 6.13 -19.59 29.03
N PRO D 180 4.98 -19.23 29.60
CA PRO D 180 4.76 -18.93 31.03
C PRO D 180 5.01 -20.08 32.01
N THR D 181 4.64 -21.30 31.64
CA THR D 181 4.81 -22.46 32.52
C THR D 181 6.17 -23.10 32.40
N ALA D 182 6.89 -22.78 31.32
CA ALA D 182 8.22 -23.32 31.12
C ALA D 182 9.13 -22.79 32.22
N ASN D 183 9.57 -23.70 33.10
CA ASN D 183 10.41 -23.40 34.24
C ASN D 183 9.61 -22.99 35.46
N PHE D 184 8.32 -23.34 35.45
CA PHE D 184 7.44 -23.00 36.56
C PHE D 184 7.97 -23.54 37.90
N ASP D 185 8.49 -24.76 37.88
CA ASP D 185 9.03 -25.38 39.08
C ASP D 185 10.12 -24.53 39.71
N GLU D 186 11.10 -24.12 38.89
CA GLU D 186 12.18 -23.30 39.39
C GLU D 186 11.61 -21.97 39.88
N TYR D 187 10.63 -21.43 39.16
CA TYR D 187 9.98 -20.19 39.56
C TYR D 187 9.29 -20.35 40.91
N TRP D 188 8.50 -21.42 41.06
CA TRP D 188 7.81 -21.64 42.32
C TRP D 188 8.83 -21.72 43.46
N ALA D 189 9.92 -22.45 43.23
CA ALA D 189 10.97 -22.59 44.23
C ALA D 189 11.48 -21.20 44.65
N LEU D 190 11.50 -20.27 43.70
CA LEU D 190 11.96 -18.92 43.97
C LEU D 190 10.97 -18.20 44.87
N LEU D 191 9.69 -18.25 44.51
CA LEU D 191 8.65 -17.60 45.30
C LEU D 191 8.57 -18.17 46.70
N SER D 192 8.63 -19.49 46.78
CA SER D 192 8.53 -20.19 48.06
C SER D 192 9.60 -19.69 49.02
N ALA D 193 10.83 -19.60 48.55
CA ALA D 193 11.93 -19.11 49.36
C ALA D 193 11.69 -17.65 49.76
N GLN D 194 10.86 -16.96 48.98
CA GLN D 194 10.53 -15.55 49.23
C GLN D 194 9.34 -15.39 50.16
N ILE D 195 8.32 -16.21 49.93
CA ILE D 195 7.05 -16.21 50.67
C ILE D 195 7.04 -16.97 52.00
N LYS D 196 7.61 -18.18 51.99
CA LYS D 196 7.67 -19.06 53.16
C LYS D 196 7.95 -18.32 54.46
#